data_3EAH
#
_entry.id   3EAH
#
_cell.length_a   71.090
_cell.length_b   90.150
_cell.length_c   156.100
_cell.angle_alpha   90.000
_cell.angle_beta   90.000
_cell.angle_gamma   90.000
#
_symmetry.space_group_name_H-M   'P 21 21 21'
#
loop_
_entity.id
_entity.type
_entity.pdbx_description
1 polymer 'Nitric oxide synthase, endothelial'
2 non-polymer 'HEME C'
3 non-polymer 'ZINC ION'
4 non-polymer (3S,5E)-3-propyl-3,4-dihydrothieno[2,3-f][1,4]oxazepin-5(2H)-imine
5 non-polymer (4S)-2-METHYL-2,4-PENTANEDIOL
6 non-polymer 'CHLORIDE ION'
7 water water
#
_entity_poly.entity_id   1
_entity_poly.type   'polypeptide(L)'
_entity_poly.pdbx_seq_one_letter_code
;PKFPRVKNWEVGSITYDTLSAQAQQDGPCTPRRCLGSLVFPRKLQGRPSPGPPAPEQLLSQARDFINQYYSSIKRSGSQA
HEQRLQEVEAEVAATGTYQLRESELVFGAKQAWRNAPRCVGRIQWGKLQVFDARDCRSAQEMFTYICNHIKYATNRGNLR
SAITVFPQRCPGRGDFRIWNSQLVRYAGYRQQDGSVRGDPANVEITELCIQHGWTPGNGRFDVLPLLLQAPDEPPELFLL
PPELVLEVPLEHPTLEWFAALGLRWYALPAVSNMLLEIGGLEFPAAPFSGWYMSTEIGTRNLCDPHRYNILEDVAVCMDL
DTRTTSSLWKDKAAVEINVAVLHSYQLAKVTIVDHHAATASFMKHLENEQKARGGCPADWAWIVPPISGSLTPVFHQEMV
NYFLSPAFRYQPDPWKGSAAKGTGITR
;
_entity_poly.pdbx_strand_id   A,B
#
loop_
_chem_comp.id
_chem_comp.type
_chem_comp.name
_chem_comp.formula
327 non-polymer (3S,5E)-3-propyl-3,4-dihydrothieno[2,3-f][1,4]oxazepin-5(2H)-imine 'C10 H14 N2 O S'
CL non-polymer 'CHLORIDE ION' 'Cl -1'
HEC non-polymer 'HEME C' 'C34 H34 Fe N4 O4'
MPD non-polymer (4S)-2-METHYL-2,4-PENTANEDIOL 'C6 H14 O2'
ZN non-polymer 'ZINC ION' 'Zn 2'
#
# COMPACT_ATOMS: atom_id res chain seq x y z
N PHE A 3 10.86 -17.16 -11.70
CA PHE A 3 10.39 -15.86 -12.28
C PHE A 3 9.01 -15.45 -11.77
N PRO A 4 8.95 -14.36 -10.99
CA PRO A 4 7.71 -13.82 -10.42
C PRO A 4 6.63 -13.50 -11.45
N ARG A 5 5.42 -14.00 -11.22
CA ARG A 5 4.29 -13.72 -12.10
C ARG A 5 3.61 -12.48 -11.54
N VAL A 6 3.29 -11.54 -12.43
CA VAL A 6 2.67 -10.28 -12.01
C VAL A 6 1.34 -10.06 -12.72
N LYS A 7 0.30 -9.83 -11.94
CA LYS A 7 -1.03 -9.65 -12.53
C LYS A 7 -1.74 -8.34 -12.21
N ASN A 8 -2.48 -7.84 -13.19
CA ASN A 8 -3.28 -6.63 -13.02
C ASN A 8 -4.69 -7.17 -12.81
N TRP A 9 -5.32 -6.77 -11.71
CA TRP A 9 -6.65 -7.26 -11.39
C TRP A 9 -7.83 -6.49 -11.93
N GLU A 10 -7.55 -5.34 -12.54
CA GLU A 10 -8.61 -4.54 -13.11
C GLU A 10 -8.86 -5.09 -14.50
N VAL A 11 -7.76 -5.22 -15.24
CA VAL A 11 -7.78 -5.71 -16.61
C VAL A 11 -7.69 -7.24 -16.72
N GLY A 12 -6.85 -7.86 -15.90
CA GLY A 12 -6.71 -9.32 -15.94
C GLY A 12 -5.45 -9.88 -16.59
N SER A 13 -4.71 -9.03 -17.29
CA SER A 13 -3.49 -9.45 -17.96
C SER A 13 -2.43 -9.87 -16.95
N ILE A 14 -1.47 -10.68 -17.39
CA ILE A 14 -0.38 -11.11 -16.51
C ILE A 14 0.95 -11.10 -17.28
N THR A 15 2.05 -11.11 -16.56
CA THR A 15 3.38 -11.11 -17.16
C THR A 15 4.38 -11.82 -16.24
N TYR A 16 5.65 -11.79 -16.62
CA TYR A 16 6.67 -12.42 -15.80
C TYR A 16 7.93 -11.58 -15.67
N ASP A 17 8.17 -11.08 -14.46
CA ASP A 17 9.35 -10.25 -14.22
C ASP A 17 10.65 -11.04 -14.30
N THR A 18 11.26 -11.02 -15.48
CA THR A 18 12.52 -11.72 -15.69
C THR A 18 13.71 -10.85 -15.31
N LEU A 19 13.43 -9.58 -15.05
CA LEU A 19 14.46 -8.62 -14.65
C LEU A 19 14.81 -8.82 -13.18
N SER A 20 13.77 -9.10 -12.39
CA SER A 20 13.92 -9.33 -10.96
C SER A 20 15.09 -10.26 -10.71
N ALA A 21 15.18 -11.31 -11.52
CA ALA A 21 16.24 -12.31 -11.40
C ALA A 21 17.64 -11.70 -11.33
N GLN A 22 17.83 -10.57 -12.02
CA GLN A 22 19.11 -9.89 -12.07
C GLN A 22 19.32 -8.82 -10.98
N ALA A 23 18.56 -8.90 -9.89
CA ALA A 23 18.67 -7.92 -8.80
C ALA A 23 20.11 -7.89 -8.28
N GLN A 24 20.64 -6.67 -8.12
CA GLN A 24 22.01 -6.45 -7.65
C GLN A 24 22.25 -6.67 -6.15
N GLN A 25 21.52 -5.95 -5.31
CA GLN A 25 21.68 -6.08 -3.85
C GLN A 25 20.47 -6.75 -3.22
N ASP A 26 20.58 -7.04 -1.92
CA ASP A 26 19.50 -7.71 -1.21
C ASP A 26 18.58 -6.77 -0.44
N GLY A 27 17.30 -7.14 -0.39
CA GLY A 27 16.32 -6.34 0.31
C GLY A 27 16.09 -6.84 1.73
N PRO A 28 15.08 -6.31 2.44
CA PRO A 28 14.72 -6.67 3.82
C PRO A 28 13.86 -7.93 4.00
N CYS A 29 13.14 -8.32 2.95
CA CYS A 29 12.26 -9.47 3.03
C CYS A 29 12.92 -10.85 2.98
N THR A 30 12.30 -11.79 3.67
CA THR A 30 12.74 -13.19 3.74
C THR A 30 11.46 -14.01 3.67
N PRO A 31 11.56 -15.31 3.34
CA PRO A 31 10.33 -16.10 3.29
C PRO A 31 9.60 -16.18 4.64
N ARG A 32 10.31 -15.86 5.72
CA ARG A 32 9.72 -15.89 7.05
C ARG A 32 8.78 -14.69 7.27
N ARG A 33 9.14 -13.53 6.74
CA ARG A 33 8.31 -12.35 6.91
C ARG A 33 8.67 -11.20 5.97
N CYS A 34 7.63 -10.53 5.48
CA CYS A 34 7.79 -9.40 4.57
C CYS A 34 7.93 -8.10 5.33
N LEU A 35 8.89 -7.29 4.89
CA LEU A 35 9.15 -5.98 5.50
C LEU A 35 9.11 -4.89 4.42
N GLY A 36 8.36 -5.14 3.36
CA GLY A 36 8.27 -4.18 2.28
C GLY A 36 7.76 -2.79 2.66
N SER A 37 7.02 -2.69 3.77
CA SER A 37 6.48 -1.39 4.18
C SER A 37 7.41 -0.52 5.01
N LEU A 38 8.64 -1.00 5.25
CA LEU A 38 9.61 -0.21 6.02
C LEU A 38 10.16 0.90 5.13
N VAL A 39 10.32 2.09 5.69
CA VAL A 39 10.83 3.22 4.92
C VAL A 39 12.32 3.06 4.62
N PHE A 40 13.06 2.49 5.57
CA PHE A 40 14.49 2.27 5.39
C PHE A 40 14.86 0.79 5.50
N PRO A 55 36.77 -3.89 -2.72
CA PRO A 55 37.87 -4.05 -3.69
C PRO A 55 37.44 -4.94 -4.85
N GLU A 56 37.35 -6.24 -4.58
CA GLU A 56 36.93 -7.19 -5.60
C GLU A 56 35.46 -6.89 -5.88
N GLN A 57 34.83 -6.24 -4.90
CA GLN A 57 33.42 -5.87 -4.99
C GLN A 57 33.25 -4.59 -5.80
N LEU A 58 34.26 -3.72 -5.80
CA LEU A 58 34.20 -2.48 -6.56
C LEU A 58 34.31 -2.81 -8.03
N LEU A 59 35.25 -3.71 -8.34
CA LEU A 59 35.47 -4.14 -9.71
C LEU A 59 34.24 -4.82 -10.30
N SER A 60 33.71 -5.81 -9.59
CA SER A 60 32.53 -6.51 -10.08
C SER A 60 31.42 -5.54 -10.45
N GLN A 61 31.10 -4.63 -9.53
CA GLN A 61 30.06 -3.65 -9.76
C GLN A 61 30.42 -2.74 -10.93
N ALA A 62 31.69 -2.35 -11.01
CA ALA A 62 32.15 -1.48 -12.09
C ALA A 62 32.06 -2.19 -13.44
N ARG A 63 32.51 -3.44 -13.48
CA ARG A 63 32.48 -4.22 -14.72
C ARG A 63 31.04 -4.32 -15.23
N ASP A 64 30.12 -4.53 -14.31
CA ASP A 64 28.71 -4.64 -14.68
C ASP A 64 28.17 -3.33 -15.22
N PHE A 65 28.56 -2.23 -14.59
CA PHE A 65 28.08 -0.93 -15.03
C PHE A 65 28.60 -0.67 -16.46
N ILE A 66 29.87 -1.00 -16.70
CA ILE A 66 30.46 -0.77 -18.02
C ILE A 66 29.71 -1.58 -19.08
N ASN A 67 29.34 -2.81 -18.71
CA ASN A 67 28.62 -3.67 -19.63
C ASN A 67 27.27 -3.07 -20.00
N GLN A 68 26.57 -2.54 -19.02
CA GLN A 68 25.25 -1.96 -19.26
C GLN A 68 25.37 -0.83 -20.25
N TYR A 69 26.42 -0.02 -20.08
CA TYR A 69 26.69 1.12 -20.94
C TYR A 69 26.98 0.69 -22.37
N TYR A 70 27.98 -0.16 -22.57
CA TYR A 70 28.26 -0.56 -23.94
C TYR A 70 27.10 -1.33 -24.53
N SER A 71 26.15 -1.74 -23.69
CA SER A 71 25.01 -2.46 -24.21
C SER A 71 23.96 -1.43 -24.61
N SER A 72 23.99 -0.29 -23.92
CA SER A 72 23.07 0.79 -24.17
C SER A 72 23.36 1.46 -25.50
N ILE A 73 24.60 1.39 -25.99
CA ILE A 73 24.92 2.00 -27.28
C ILE A 73 25.21 0.96 -28.36
N LYS A 74 24.76 -0.26 -28.11
CA LYS A 74 24.95 -1.36 -29.06
C LYS A 74 26.40 -1.44 -29.55
N ARG A 75 27.32 -1.69 -28.62
CA ARG A 75 28.74 -1.79 -28.91
C ARG A 75 29.31 -2.83 -27.96
N SER A 76 28.42 -3.70 -27.50
CA SER A 76 28.76 -4.77 -26.58
C SER A 76 29.77 -5.76 -27.18
N GLY A 77 30.85 -6.03 -26.45
CA GLY A 77 31.86 -6.95 -26.94
C GLY A 77 32.82 -6.35 -27.94
N SER A 78 32.75 -5.04 -28.12
CA SER A 78 33.63 -4.35 -29.06
C SER A 78 35.01 -4.14 -28.45
N GLN A 79 35.93 -3.63 -29.27
CA GLN A 79 37.28 -3.36 -28.80
C GLN A 79 37.20 -2.21 -27.79
N ALA A 80 36.41 -1.21 -28.12
CA ALA A 80 36.23 -0.06 -27.25
C ALA A 80 35.74 -0.54 -25.90
N HIS A 81 34.83 -1.50 -25.93
CA HIS A 81 34.27 -2.07 -24.70
C HIS A 81 35.37 -2.69 -23.82
N GLU A 82 36.14 -3.61 -24.41
CA GLU A 82 37.21 -4.30 -23.70
C GLU A 82 38.30 -3.39 -23.17
N GLN A 83 38.59 -2.32 -23.91
CA GLN A 83 39.62 -1.38 -23.48
C GLN A 83 39.09 -0.58 -22.30
N ARG A 84 37.81 -0.22 -22.37
CA ARG A 84 37.20 0.55 -21.30
C ARG A 84 37.26 -0.27 -20.02
N LEU A 85 37.06 -1.58 -20.16
CA LEU A 85 37.11 -2.51 -19.03
C LEU A 85 38.51 -2.61 -18.46
N GLN A 86 39.50 -2.76 -19.33
CA GLN A 86 40.88 -2.87 -18.88
C GLN A 86 41.33 -1.57 -18.21
N GLU A 87 40.89 -0.44 -18.76
CA GLU A 87 41.25 0.86 -18.22
C GLU A 87 40.68 1.04 -16.82
N VAL A 88 39.41 0.69 -16.63
CA VAL A 88 38.83 0.82 -15.28
C VAL A 88 39.57 -0.09 -14.31
N GLU A 89 39.87 -1.32 -14.73
CA GLU A 89 40.60 -2.25 -13.86
C GLU A 89 42.01 -1.79 -13.58
N ALA A 90 42.63 -1.12 -14.55
CA ALA A 90 43.98 -0.63 -14.35
C ALA A 90 43.90 0.46 -13.28
N GLU A 91 42.96 1.38 -13.45
CA GLU A 91 42.76 2.48 -12.52
C GLU A 91 42.51 2.00 -11.09
N VAL A 92 41.58 1.06 -10.93
CA VAL A 92 41.25 0.55 -9.61
C VAL A 92 42.48 -0.05 -8.95
N ALA A 93 43.18 -0.89 -9.70
CA ALA A 93 44.39 -1.54 -9.19
C ALA A 93 45.43 -0.55 -8.69
N ALA A 94 45.45 0.64 -9.28
CA ALA A 94 46.44 1.64 -8.90
C ALA A 94 46.00 2.71 -7.90
N THR A 95 44.73 3.10 -7.93
CA THR A 95 44.26 4.16 -7.04
C THR A 95 43.16 3.71 -6.09
N GLY A 96 42.65 2.49 -6.30
CA GLY A 96 41.60 1.99 -5.45
C GLY A 96 40.24 2.44 -5.95
N THR A 97 40.24 3.28 -6.98
CA THR A 97 39.00 3.78 -7.57
C THR A 97 39.23 4.07 -9.06
N TYR A 98 38.29 4.77 -9.70
CA TYR A 98 38.42 5.10 -11.11
C TYR A 98 37.48 6.26 -11.46
N GLN A 99 37.77 6.98 -12.54
CA GLN A 99 36.90 8.09 -12.91
C GLN A 99 36.06 7.74 -14.13
N LEU A 100 34.78 8.09 -14.07
CA LEU A 100 33.86 7.80 -15.16
C LEU A 100 34.05 8.78 -16.30
N ARG A 101 33.55 8.40 -17.48
CA ARG A 101 33.63 9.30 -18.62
C ARG A 101 32.29 9.99 -18.67
N GLU A 102 32.32 11.24 -19.13
CA GLU A 102 31.13 12.06 -19.24
C GLU A 102 29.88 11.31 -19.70
N SER A 103 29.98 10.64 -20.84
CA SER A 103 28.87 9.89 -21.39
C SER A 103 28.35 8.83 -20.43
N GLU A 104 29.27 8.23 -19.68
CA GLU A 104 28.91 7.20 -18.71
C GLU A 104 28.14 7.81 -17.56
N LEU A 105 28.62 8.95 -17.05
CA LEU A 105 27.98 9.66 -15.95
C LEU A 105 26.52 9.95 -16.32
N VAL A 106 26.35 10.57 -17.48
CA VAL A 106 25.01 10.89 -17.97
C VAL A 106 24.15 9.64 -18.00
N PHE A 107 24.69 8.57 -18.60
CA PHE A 107 23.97 7.31 -18.72
C PHE A 107 23.65 6.73 -17.36
N GLY A 108 24.61 6.86 -16.44
CA GLY A 108 24.42 6.34 -15.10
C GLY A 108 23.26 7.03 -14.41
N ALA A 109 23.32 8.36 -14.36
CA ALA A 109 22.28 9.14 -13.71
C ALA A 109 20.91 8.70 -14.15
N LYS A 110 20.70 8.60 -15.46
CA LYS A 110 19.40 8.20 -15.98
C LYS A 110 18.95 6.84 -15.46
N GLN A 111 19.88 5.89 -15.39
CA GLN A 111 19.55 4.55 -14.91
C GLN A 111 19.14 4.58 -13.45
N ALA A 112 19.88 5.34 -12.65
CA ALA A 112 19.58 5.46 -11.23
C ALA A 112 18.11 5.85 -11.08
N TRP A 113 17.71 6.89 -11.80
CA TRP A 113 16.33 7.33 -11.78
C TRP A 113 15.45 6.23 -12.33
N ARG A 114 15.86 5.66 -13.45
CA ARG A 114 15.10 4.60 -14.09
C ARG A 114 14.80 3.46 -13.11
N ASN A 115 15.79 3.11 -12.29
CA ASN A 115 15.66 2.03 -11.33
C ASN A 115 14.99 2.37 -9.99
N ALA A 116 14.66 3.64 -9.75
CA ALA A 116 14.01 4.04 -8.49
C ALA A 116 12.62 3.41 -8.34
N PRO A 117 12.49 2.42 -7.46
CA PRO A 117 11.22 1.73 -7.24
C PRO A 117 10.07 2.60 -6.73
N ARG A 118 10.41 3.67 -5.99
CA ARG A 118 9.36 4.51 -5.43
C ARG A 118 8.95 5.69 -6.27
N CYS A 119 9.63 5.93 -7.38
CA CYS A 119 9.26 7.06 -8.23
C CYS A 119 8.18 6.68 -9.23
N VAL A 120 7.04 7.34 -9.09
CA VAL A 120 5.89 7.13 -9.94
C VAL A 120 6.04 7.92 -11.24
N GLY A 121 7.04 8.79 -11.30
CA GLY A 121 7.19 9.61 -12.49
C GLY A 121 8.25 9.15 -13.46
N ARG A 122 8.57 7.87 -13.47
CA ARG A 122 9.63 7.36 -14.35
C ARG A 122 9.38 7.30 -15.86
N ILE A 123 8.18 7.64 -16.32
CA ILE A 123 7.91 7.62 -17.76
C ILE A 123 8.90 8.61 -18.39
N GLN A 124 9.33 9.57 -17.59
CA GLN A 124 10.26 10.64 -17.99
C GLN A 124 11.75 10.35 -17.82
N TRP A 125 12.13 9.18 -17.34
CA TRP A 125 13.54 8.90 -17.08
C TRP A 125 14.60 9.24 -18.13
N GLY A 126 14.21 9.28 -19.40
CA GLY A 126 15.17 9.60 -20.45
C GLY A 126 15.44 11.08 -20.65
N LYS A 127 14.51 11.92 -20.17
CA LYS A 127 14.68 13.37 -20.29
C LYS A 127 15.20 13.92 -18.97
N LEU A 128 16.51 13.84 -18.80
CA LEU A 128 17.13 14.32 -17.59
C LEU A 128 18.37 15.12 -17.92
N GLN A 129 18.39 16.38 -17.51
CA GLN A 129 19.54 17.25 -17.75
C GLN A 129 20.59 16.96 -16.69
N VAL A 130 21.80 16.59 -17.11
CA VAL A 130 22.86 16.28 -16.16
C VAL A 130 23.96 17.32 -16.11
N PHE A 131 24.20 17.89 -14.93
CA PHE A 131 25.26 18.87 -14.78
C PHE A 131 26.42 18.16 -14.12
N ASP A 132 27.60 18.31 -14.72
CA ASP A 132 28.80 17.65 -14.21
C ASP A 132 29.61 18.62 -13.38
N ALA A 133 29.49 18.52 -12.06
CA ALA A 133 30.23 19.39 -11.15
C ALA A 133 31.29 18.61 -10.41
N ARG A 134 31.91 17.66 -11.11
CA ARG A 134 32.94 16.83 -10.51
C ARG A 134 34.26 17.57 -10.31
N ASP A 135 34.33 18.81 -10.76
CA ASP A 135 35.54 19.62 -10.58
C ASP A 135 35.35 20.59 -9.42
N CYS A 136 34.18 20.52 -8.79
CA CYS A 136 33.87 21.39 -7.67
C CYS A 136 34.94 21.26 -6.58
N ARG A 137 35.39 22.39 -6.05
CA ARG A 137 36.42 22.37 -5.02
C ARG A 137 36.05 23.05 -3.70
N SER A 138 34.99 23.85 -3.69
CA SER A 138 34.60 24.51 -2.44
C SER A 138 33.09 24.65 -2.28
N ALA A 139 32.68 24.97 -1.06
CA ALA A 139 31.27 25.16 -0.75
C ALA A 139 30.73 26.29 -1.59
N GLN A 140 31.50 27.37 -1.69
CA GLN A 140 31.09 28.52 -2.48
C GLN A 140 30.81 28.08 -3.92
N GLU A 141 31.59 27.12 -4.41
CA GLU A 141 31.38 26.62 -5.76
C GLU A 141 30.08 25.81 -5.76
N MET A 142 29.92 24.94 -4.76
CA MET A 142 28.72 24.12 -4.66
C MET A 142 27.49 25.02 -4.81
N PHE A 143 27.49 26.14 -4.11
CA PHE A 143 26.38 27.07 -4.13
C PHE A 143 26.11 27.62 -5.52
N THR A 144 27.14 28.07 -6.20
CA THR A 144 26.98 28.59 -7.55
C THR A 144 26.38 27.52 -8.43
N TYR A 145 26.88 26.30 -8.29
CA TYR A 145 26.37 25.16 -9.07
C TYR A 145 24.89 24.92 -8.79
N ILE A 146 24.54 24.88 -7.51
CA ILE A 146 23.17 24.66 -7.10
C ILE A 146 22.22 25.72 -7.64
N CYS A 147 22.62 27.00 -7.55
CA CYS A 147 21.78 28.08 -8.04
C CYS A 147 21.52 27.96 -9.54
N ASN A 148 22.53 27.57 -10.31
CA ASN A 148 22.33 27.42 -11.74
C ASN A 148 21.37 26.28 -11.98
N HIS A 149 21.52 25.22 -11.18
CA HIS A 149 20.64 24.06 -11.29
C HIS A 149 19.20 24.54 -11.05
N ILE A 150 18.99 25.24 -9.95
CA ILE A 150 17.66 25.76 -9.64
C ILE A 150 17.10 26.65 -10.75
N LYS A 151 17.93 27.51 -11.32
CA LYS A 151 17.47 28.39 -12.38
C LYS A 151 17.04 27.59 -13.60
N TYR A 152 17.90 26.67 -14.03
CA TYR A 152 17.62 25.84 -15.20
C TYR A 152 16.36 25.01 -15.00
N ALA A 153 16.33 24.24 -13.92
CA ALA A 153 15.21 23.37 -13.62
C ALA A 153 13.90 24.11 -13.41
N THR A 154 13.95 25.27 -12.75
CA THR A 154 12.72 26.03 -12.50
C THR A 154 12.21 26.57 -13.83
N ASN A 155 13.13 27.06 -14.66
CA ASN A 155 12.78 27.59 -15.96
C ASN A 155 11.48 28.39 -15.98
N ARG A 156 11.41 29.40 -15.10
CA ARG A 156 10.28 30.31 -15.00
C ARG A 156 8.91 29.68 -14.75
N GLY A 157 8.88 28.38 -14.48
CA GLY A 157 7.60 27.72 -14.24
C GLY A 157 7.42 26.46 -15.06
N ASN A 158 8.10 26.38 -16.20
CA ASN A 158 8.00 25.20 -17.04
C ASN A 158 9.19 24.36 -16.64
N LEU A 159 9.00 23.62 -15.54
CA LEU A 159 10.04 22.81 -14.95
C LEU A 159 10.67 21.75 -15.85
N ARG A 160 11.97 21.59 -15.70
CA ARG A 160 12.77 20.63 -16.45
C ARG A 160 13.54 19.76 -15.46
N SER A 161 13.56 18.46 -15.70
CA SER A 161 14.27 17.56 -14.81
C SER A 161 15.78 17.74 -14.93
N ALA A 162 16.47 17.67 -13.79
CA ALA A 162 17.91 17.81 -13.75
C ALA A 162 18.55 17.23 -12.49
N ILE A 163 19.84 16.94 -12.60
CA ILE A 163 20.64 16.40 -11.51
C ILE A 163 22.03 17.01 -11.62
N THR A 164 22.63 17.37 -10.49
CA THR A 164 23.96 17.93 -10.49
C THR A 164 24.84 16.98 -9.68
N VAL A 165 25.87 16.42 -10.32
CA VAL A 165 26.75 15.50 -9.65
C VAL A 165 28.05 16.16 -9.22
N PHE A 166 28.31 16.11 -7.93
CA PHE A 166 29.52 16.69 -7.35
C PHE A 166 30.57 15.59 -7.18
N PRO A 167 31.80 15.97 -6.80
CA PRO A 167 32.86 14.97 -6.63
C PRO A 167 32.45 13.70 -5.91
N GLN A 168 32.98 12.58 -6.38
CA GLN A 168 32.69 11.28 -5.82
C GLN A 168 33.45 11.04 -4.52
N ARG A 169 32.96 10.09 -3.74
CA ARG A 169 33.60 9.73 -2.47
C ARG A 169 35.05 9.34 -2.74
N CYS A 170 35.95 9.73 -1.85
CA CYS A 170 37.38 9.46 -2.04
C CYS A 170 38.14 8.82 -0.90
N PRO A 171 39.07 7.92 -1.26
CA PRO A 171 39.92 7.23 -0.30
C PRO A 171 40.81 8.30 0.30
N GLY A 172 40.73 8.49 1.61
CA GLY A 172 41.54 9.52 2.24
C GLY A 172 41.09 10.96 2.02
N ARG A 173 39.78 11.19 2.18
CA ARG A 173 39.22 12.53 2.03
C ARG A 173 37.72 12.55 2.34
N GLY A 174 37.30 13.58 3.08
CA GLY A 174 35.89 13.71 3.42
C GLY A 174 35.02 13.88 2.19
N ASP A 175 33.72 13.69 2.35
CA ASP A 175 32.77 13.81 1.24
C ASP A 175 32.13 15.18 1.12
N PHE A 176 31.61 15.48 -0.06
CA PHE A 176 30.88 16.71 -0.28
C PHE A 176 29.50 16.34 0.25
N ARG A 177 28.79 17.27 0.89
CA ARG A 177 27.46 16.97 1.37
C ARG A 177 26.63 18.24 1.44
N ILE A 178 25.35 18.06 1.16
CA ILE A 178 24.39 19.12 1.27
C ILE A 178 23.61 18.63 2.51
N TRP A 179 23.64 19.41 3.58
CA TRP A 179 22.95 19.00 4.81
C TRP A 179 21.44 18.98 4.68
N ASN A 180 20.88 19.89 3.89
CA ASN A 180 19.43 19.94 3.71
C ASN A 180 18.90 18.73 2.97
N SER A 181 17.68 18.31 3.30
CA SER A 181 17.08 17.17 2.63
C SER A 181 16.55 17.58 1.25
N GLN A 182 16.29 18.87 1.09
CA GLN A 182 15.82 19.40 -0.18
C GLN A 182 16.50 20.74 -0.43
N LEU A 183 16.64 21.12 -1.69
CA LEU A 183 17.27 22.41 -2.00
C LEU A 183 16.37 23.51 -1.49
N VAL A 184 15.06 23.29 -1.55
CA VAL A 184 14.09 24.27 -1.04
C VAL A 184 13.16 23.61 0.00
N ARG A 185 13.03 24.25 1.15
CA ARG A 185 12.21 23.76 2.27
C ARG A 185 11.95 24.92 3.23
N TYR A 186 10.84 24.86 3.95
CA TYR A 186 10.48 25.88 4.91
C TYR A 186 10.94 25.55 6.32
N ALA A 187 11.33 26.58 7.06
CA ALA A 187 11.79 26.43 8.43
C ALA A 187 10.68 25.93 9.36
N GLY A 188 11.07 25.30 10.47
CA GLY A 188 10.13 24.83 11.46
C GLY A 188 10.64 25.35 12.80
N TYR A 189 9.92 26.29 13.42
CA TYR A 189 10.35 26.84 14.70
C TYR A 189 9.53 26.32 15.86
N ARG A 190 10.18 25.65 16.80
CA ARG A 190 9.45 25.15 17.95
C ARG A 190 9.08 26.31 18.83
N GLN A 191 7.77 26.55 18.97
CA GLN A 191 7.34 27.66 19.81
C GLN A 191 7.34 27.18 21.24
N GLN A 192 7.21 28.10 22.16
CA GLN A 192 7.15 27.65 23.51
C GLN A 192 5.68 27.42 23.78
N ASP A 193 5.32 26.15 23.89
CA ASP A 193 3.94 25.70 24.13
C ASP A 193 3.89 24.40 23.36
N GLY A 194 5.10 23.96 22.98
CA GLY A 194 5.26 22.73 22.26
C GLY A 194 4.84 22.79 20.81
N SER A 195 4.18 23.86 20.36
CA SER A 195 3.75 23.92 18.96
C SER A 195 4.94 24.18 18.03
N VAL A 196 4.67 24.21 16.72
CA VAL A 196 5.70 24.48 15.73
C VAL A 196 5.15 25.42 14.68
N ARG A 197 5.88 26.51 14.44
CA ARG A 197 5.50 27.46 13.41
C ARG A 197 6.34 27.06 12.20
N GLY A 198 5.67 26.79 11.09
CA GLY A 198 6.39 26.39 9.90
C GLY A 198 6.23 24.90 9.68
N ASP A 199 7.19 24.29 8.99
CA ASP A 199 7.13 22.88 8.70
C ASP A 199 7.75 22.01 9.80
N PRO A 200 6.91 21.32 10.59
CA PRO A 200 7.41 20.47 11.68
C PRO A 200 8.49 19.49 11.22
N ALA A 201 8.42 19.09 9.95
CA ALA A 201 9.39 18.15 9.41
C ALA A 201 10.82 18.70 9.37
N ASN A 202 10.95 20.03 9.42
CA ASN A 202 12.27 20.63 9.33
C ASN A 202 12.85 21.31 10.56
N VAL A 203 12.33 20.97 11.73
CA VAL A 203 12.81 21.55 12.97
C VAL A 203 14.30 21.30 13.22
N GLU A 204 14.76 20.08 12.97
CA GLU A 204 16.15 19.75 13.22
C GLU A 204 17.10 20.56 12.35
N ILE A 205 16.86 20.55 11.04
CA ILE A 205 17.69 21.26 10.11
C ILE A 205 17.57 22.78 10.33
N THR A 206 16.39 23.23 10.75
CA THR A 206 16.21 24.65 11.04
C THR A 206 17.14 25.00 12.20
N GLU A 207 17.11 24.18 13.25
CA GLU A 207 17.96 24.43 14.40
C GLU A 207 19.44 24.31 14.05
N LEU A 208 19.77 23.42 13.14
CA LEU A 208 21.17 23.30 12.77
C LEU A 208 21.65 24.58 12.08
N CYS A 209 20.81 25.17 11.23
CA CYS A 209 21.20 26.40 10.55
C CYS A 209 21.38 27.52 11.56
N ILE A 210 20.54 27.55 12.57
CA ILE A 210 20.64 28.58 13.59
C ILE A 210 21.91 28.32 14.38
N GLN A 211 22.17 27.07 14.73
CA GLN A 211 23.37 26.73 15.47
C GLN A 211 24.62 27.16 14.71
N HIS A 212 24.53 27.22 13.39
CA HIS A 212 25.69 27.60 12.61
C HIS A 212 25.78 29.08 12.24
N GLY A 213 25.03 29.93 12.93
CA GLY A 213 25.13 31.36 12.64
C GLY A 213 24.01 32.08 11.91
N TRP A 214 22.95 31.36 11.57
CA TRP A 214 21.82 31.97 10.87
C TRP A 214 20.79 32.56 11.83
N THR A 215 20.45 33.83 11.62
CA THR A 215 19.41 34.46 12.43
C THR A 215 18.15 34.09 11.65
N PRO A 216 17.23 33.38 12.30
CA PRO A 216 15.96 32.95 11.67
C PRO A 216 14.94 34.04 11.43
N GLY A 217 13.86 33.66 10.73
CA GLY A 217 12.77 34.57 10.47
C GLY A 217 11.71 34.13 11.47
N ASN A 218 10.44 34.40 11.20
CA ASN A 218 9.38 33.95 12.12
C ASN A 218 8.09 33.67 11.36
N GLY A 219 8.22 33.38 10.06
CA GLY A 219 7.06 33.09 9.24
C GLY A 219 6.79 31.61 9.15
N ARG A 220 5.75 31.25 8.41
CA ARG A 220 5.38 29.85 8.26
C ARG A 220 5.97 29.29 6.99
N PHE A 221 6.49 30.15 6.14
CA PHE A 221 7.05 29.71 4.87
C PHE A 221 8.41 30.32 4.57
N ASP A 222 9.30 30.30 5.55
CA ASP A 222 10.65 30.85 5.35
C ASP A 222 11.53 29.81 4.67
N VAL A 223 12.07 30.16 3.51
CA VAL A 223 12.96 29.26 2.80
C VAL A 223 14.22 29.19 3.64
N LEU A 224 14.67 27.98 3.93
CA LEU A 224 15.87 27.76 4.74
C LEU A 224 17.15 28.01 3.97
N PRO A 225 18.20 28.46 4.65
CA PRO A 225 19.46 28.69 3.94
C PRO A 225 20.07 27.31 3.70
N LEU A 226 21.05 27.22 2.80
CA LEU A 226 21.68 25.94 2.54
C LEU A 226 22.91 25.72 3.42
N LEU A 227 23.07 24.50 3.88
CA LEU A 227 24.20 24.13 4.71
C LEU A 227 25.04 23.21 3.82
N LEU A 228 26.00 23.82 3.13
CA LEU A 228 26.86 23.07 2.21
C LEU A 228 28.21 22.65 2.79
N GLN A 229 28.60 21.40 2.54
CA GLN A 229 29.84 20.89 3.08
C GLN A 229 30.87 20.39 2.08
N ALA A 230 32.05 21.01 2.11
CA ALA A 230 33.16 20.61 1.25
C ALA A 230 33.94 19.59 2.09
N PRO A 231 34.75 18.73 1.45
CA PRO A 231 35.53 17.72 2.16
C PRO A 231 36.32 18.19 3.39
N ASP A 232 36.04 17.56 4.52
CA ASP A 232 36.73 17.83 5.79
C ASP A 232 36.68 19.29 6.28
N GLU A 233 35.57 19.96 6.00
CA GLU A 233 35.38 21.33 6.42
C GLU A 233 34.05 21.42 7.14
N PRO A 234 33.88 22.43 8.00
CA PRO A 234 32.59 22.52 8.68
C PRO A 234 31.62 23.05 7.60
N PRO A 235 30.31 22.82 7.72
CA PRO A 235 29.44 23.35 6.67
C PRO A 235 29.36 24.88 6.64
N GLU A 236 28.99 25.42 5.47
CA GLU A 236 28.85 26.87 5.26
C GLU A 236 27.42 27.24 4.89
N LEU A 237 26.92 28.34 5.45
CA LEU A 237 25.57 28.80 5.20
C LEU A 237 25.46 29.69 3.98
N PHE A 238 24.45 29.42 3.17
CA PHE A 238 24.20 30.20 1.97
C PHE A 238 22.71 30.47 1.87
N LEU A 239 22.36 31.63 1.32
CA LEU A 239 20.97 32.00 1.16
C LEU A 239 20.57 32.12 -0.31
N LEU A 240 19.56 31.35 -0.69
CA LEU A 240 19.06 31.37 -2.06
C LEU A 240 18.41 32.70 -2.38
N PRO A 241 18.89 33.38 -3.42
CA PRO A 241 18.24 34.67 -3.73
C PRO A 241 16.76 34.37 -3.92
N PRO A 242 15.88 35.09 -3.22
CA PRO A 242 14.44 34.85 -3.36
C PRO A 242 14.04 34.82 -4.83
N GLU A 243 14.68 35.65 -5.63
CA GLU A 243 14.41 35.73 -7.05
C GLU A 243 14.46 34.35 -7.71
N LEU A 244 15.35 33.49 -7.19
CA LEU A 244 15.53 32.13 -7.72
C LEU A 244 14.51 31.12 -7.22
N VAL A 245 13.84 31.43 -6.12
CA VAL A 245 12.88 30.51 -5.53
C VAL A 245 11.44 30.84 -5.93
N LEU A 246 10.94 30.13 -6.93
CA LEU A 246 9.59 30.35 -7.42
C LEU A 246 8.54 29.70 -6.53
N GLU A 247 7.51 30.48 -6.20
CA GLU A 247 6.45 29.98 -5.34
C GLU A 247 5.05 30.17 -5.89
N VAL A 248 4.11 29.46 -5.30
CA VAL A 248 2.71 29.49 -5.72
C VAL A 248 1.78 29.80 -4.55
N PRO A 249 1.08 30.92 -4.61
CA PRO A 249 0.17 31.22 -3.50
C PRO A 249 -1.02 30.29 -3.70
N LEU A 250 -1.58 29.74 -2.63
CA LEU A 250 -2.69 28.80 -2.80
C LEU A 250 -4.07 29.40 -2.65
N GLU A 251 -4.90 29.20 -3.67
CA GLU A 251 -6.28 29.68 -3.66
C GLU A 251 -7.20 28.58 -4.18
N HIS A 252 -8.50 28.73 -3.96
CA HIS A 252 -9.47 27.72 -4.41
C HIS A 252 -10.36 28.33 -5.48
N PRO A 253 -10.69 27.56 -6.53
CA PRO A 253 -11.54 28.08 -7.60
C PRO A 253 -12.91 28.62 -7.19
N THR A 254 -13.48 28.11 -6.10
CA THR A 254 -14.79 28.58 -5.66
C THR A 254 -14.85 28.92 -4.17
N LEU A 255 -14.09 28.22 -3.35
CA LEU A 255 -14.07 28.51 -1.91
C LEU A 255 -13.21 29.76 -1.73
N GLU A 256 -13.85 30.91 -1.90
CA GLU A 256 -13.19 32.21 -1.82
C GLU A 256 -12.32 32.47 -0.60
N TRP A 257 -12.72 31.98 0.57
CA TRP A 257 -11.94 32.21 1.80
C TRP A 257 -10.59 31.48 1.86
N PHE A 258 -10.39 30.50 0.99
CA PHE A 258 -9.14 29.74 0.99
C PHE A 258 -7.93 30.64 0.76
N ALA A 259 -7.99 31.47 -0.27
CA ALA A 259 -6.89 32.38 -0.59
C ALA A 259 -6.42 33.13 0.66
N ALA A 260 -7.38 33.58 1.47
CA ALA A 260 -7.08 34.33 2.68
C ALA A 260 -6.32 33.54 3.76
N LEU A 261 -6.25 32.22 3.64
CA LEU A 261 -5.51 31.42 4.63
C LEU A 261 -4.00 31.69 4.55
N GLY A 262 -3.59 32.39 3.48
CA GLY A 262 -2.19 32.72 3.31
C GLY A 262 -1.22 31.56 3.10
N LEU A 263 -1.69 30.48 2.51
CA LEU A 263 -0.84 29.31 2.26
C LEU A 263 -0.16 29.36 0.89
N ARG A 264 0.96 28.65 0.75
CA ARG A 264 1.70 28.58 -0.50
C ARG A 264 2.68 27.41 -0.46
N TRP A 265 3.38 27.18 -1.58
CA TRP A 265 4.37 26.11 -1.63
C TRP A 265 5.33 26.46 -2.75
N TYR A 266 6.53 25.91 -2.67
CA TYR A 266 7.52 26.20 -3.69
C TYR A 266 7.34 25.31 -4.91
N ALA A 267 7.80 25.77 -6.07
CA ALA A 267 7.62 25.01 -7.29
C ALA A 267 8.59 23.86 -7.47
N LEU A 268 9.81 24.02 -6.99
CA LEU A 268 10.83 23.02 -7.21
C LEU A 268 11.10 21.95 -6.15
N PRO A 269 10.77 20.69 -6.45
CA PRO A 269 10.98 19.58 -5.54
C PRO A 269 12.37 19.07 -5.88
N ALA A 270 13.32 19.28 -4.98
CA ALA A 270 14.70 18.88 -5.24
C ALA A 270 15.39 18.13 -4.09
N VAL A 271 15.46 16.80 -4.22
CA VAL A 271 16.08 15.96 -3.21
C VAL A 271 17.58 16.15 -3.27
N SER A 272 18.19 16.45 -2.12
CA SER A 272 19.62 16.71 -2.07
C SER A 272 20.36 15.90 -1.01
N ASN A 273 19.70 14.94 -0.38
CA ASN A 273 20.35 14.16 0.67
C ASN A 273 20.60 12.69 0.34
N MET A 274 20.29 12.29 -0.89
CA MET A 274 20.53 10.91 -1.27
C MET A 274 21.86 10.75 -1.96
N LEU A 275 22.33 9.51 -2.04
CA LEU A 275 23.61 9.21 -2.66
C LEU A 275 23.43 8.56 -4.01
N LEU A 276 24.23 8.95 -4.99
CA LEU A 276 24.15 8.37 -6.31
C LEU A 276 25.23 7.31 -6.47
N GLU A 277 24.81 6.09 -6.79
CA GLU A 277 25.73 4.97 -6.94
C GLU A 277 25.84 4.44 -8.36
N ILE A 278 27.00 4.64 -8.96
CA ILE A 278 27.24 4.20 -10.33
C ILE A 278 28.51 3.34 -10.44
N GLY A 279 28.36 2.13 -10.96
CA GLY A 279 29.50 1.25 -11.14
C GLY A 279 30.46 1.11 -9.96
N GLY A 280 29.93 1.06 -8.74
CA GLY A 280 30.76 0.92 -7.57
C GLY A 280 31.22 2.24 -6.98
N LEU A 281 30.91 3.33 -7.67
CA LEU A 281 31.30 4.65 -7.22
C LEU A 281 30.14 5.31 -6.52
N GLU A 282 30.46 6.13 -5.53
CA GLU A 282 29.43 6.81 -4.77
C GLU A 282 29.55 8.31 -4.77
N PHE A 283 28.42 8.98 -4.98
CA PHE A 283 28.38 10.44 -4.96
C PHE A 283 27.46 10.88 -3.84
N PRO A 284 28.03 11.15 -2.67
CA PRO A 284 27.26 11.57 -1.49
C PRO A 284 26.49 12.86 -1.77
N ALA A 285 26.92 13.60 -2.79
CA ALA A 285 26.26 14.85 -3.14
C ALA A 285 25.91 14.96 -4.61
N ALA A 286 24.64 14.71 -4.94
CA ALA A 286 24.15 14.77 -6.31
C ALA A 286 22.67 15.12 -6.32
N PRO A 287 22.32 16.37 -6.02
CA PRO A 287 20.90 16.78 -6.01
C PRO A 287 20.17 16.64 -7.34
N PHE A 288 18.96 16.09 -7.27
CA PHE A 288 18.13 15.92 -8.46
C PHE A 288 16.74 16.51 -8.23
N SER A 289 16.11 16.97 -9.30
CA SER A 289 14.79 17.58 -9.23
C SER A 289 13.99 17.36 -10.49
N GLY A 290 12.67 17.51 -10.36
CA GLY A 290 11.76 17.33 -11.49
C GLY A 290 10.60 18.24 -11.21
N TRP A 291 9.41 17.68 -10.98
CA TRP A 291 8.25 18.51 -10.65
C TRP A 291 7.34 17.69 -9.72
N TYR A 292 6.39 18.37 -9.07
CA TYR A 292 5.46 17.75 -8.12
C TYR A 292 4.22 17.07 -8.66
N MET A 293 3.75 16.11 -7.88
CA MET A 293 2.51 15.43 -8.19
C MET A 293 1.69 16.09 -7.07
N SER A 294 0.57 16.74 -7.41
CA SER A 294 -0.28 17.43 -6.43
C SER A 294 -0.55 16.80 -5.05
N THR A 295 -0.72 15.48 -4.94
CA THR A 295 -1.02 14.89 -3.64
C THR A 295 0.06 15.15 -2.59
N GLU A 296 1.32 15.12 -3.04
CA GLU A 296 2.43 15.37 -2.14
C GLU A 296 2.23 16.68 -1.37
N ILE A 297 1.72 17.70 -2.05
CA ILE A 297 1.50 18.99 -1.41
C ILE A 297 0.13 19.03 -0.75
N GLY A 298 -0.88 18.70 -1.54
CA GLY A 298 -2.24 18.74 -1.03
C GLY A 298 -2.54 17.79 0.09
N THR A 299 -2.04 16.56 -0.03
CA THR A 299 -2.31 15.54 0.99
C THR A 299 -1.22 15.37 2.04
N ARG A 300 0.02 15.12 1.63
CA ARG A 300 1.06 14.90 2.61
C ARG A 300 1.56 16.15 3.32
N ASN A 301 2.12 17.10 2.58
CA ASN A 301 2.66 18.31 3.18
C ASN A 301 1.65 19.15 3.96
N LEU A 302 0.42 19.24 3.45
CA LEU A 302 -0.58 20.06 4.12
C LEU A 302 -1.52 19.33 5.08
N CYS A 303 -1.72 18.02 4.88
CA CYS A 303 -2.63 17.27 5.73
C CYS A 303 -2.07 16.28 6.74
N ASP A 304 -0.83 15.81 6.57
CA ASP A 304 -0.28 14.89 7.55
C ASP A 304 -0.42 15.63 8.88
N PRO A 305 -0.88 14.92 9.93
CA PRO A 305 -1.03 15.63 11.21
C PRO A 305 0.30 16.15 11.77
N HIS A 306 1.40 15.54 11.34
CA HIS A 306 2.71 15.96 11.83
C HIS A 306 3.41 16.87 10.81
N ARG A 307 2.64 17.43 9.89
CA ARG A 307 3.19 18.38 8.92
C ARG A 307 2.43 19.68 9.16
N TYR A 308 1.90 20.33 8.12
CA TYR A 308 1.21 21.58 8.41
C TYR A 308 -0.15 21.37 9.07
N ASN A 309 -0.65 20.15 9.00
CA ASN A 309 -1.90 19.77 9.66
C ASN A 309 -3.06 20.77 9.56
N ILE A 310 -3.43 21.19 8.36
CA ILE A 310 -4.50 22.17 8.20
C ILE A 310 -5.90 21.59 7.93
N LEU A 311 -5.97 20.27 7.85
CA LEU A 311 -7.22 19.56 7.56
C LEU A 311 -8.44 20.00 8.38
N GLU A 312 -8.31 20.01 9.70
CA GLU A 312 -9.43 20.40 10.54
C GLU A 312 -9.91 21.83 10.28
N ASP A 313 -8.99 22.79 10.32
CA ASP A 313 -9.36 24.18 10.08
C ASP A 313 -10.10 24.36 8.77
N VAL A 314 -9.62 23.70 7.73
CA VAL A 314 -10.23 23.81 6.41
C VAL A 314 -11.68 23.35 6.46
N ALA A 315 -11.92 22.25 7.18
CA ALA A 315 -13.26 21.68 7.29
C ALA A 315 -14.21 22.62 8.01
N VAL A 316 -13.74 23.23 9.08
CA VAL A 316 -14.58 24.16 9.84
C VAL A 316 -15.01 25.29 8.92
N CYS A 317 -14.07 25.79 8.11
CA CYS A 317 -14.34 26.86 7.16
C CYS A 317 -15.31 26.37 6.10
N MET A 318 -15.24 25.07 5.79
CA MET A 318 -16.13 24.48 4.81
C MET A 318 -17.47 24.22 5.53
N ASP A 319 -17.57 24.75 6.74
CA ASP A 319 -18.75 24.60 7.58
C ASP A 319 -19.25 23.16 7.55
N LEU A 320 -18.32 22.22 7.67
CA LEU A 320 -18.64 20.81 7.68
C LEU A 320 -18.79 20.35 9.11
N ASP A 321 -19.39 19.18 9.31
CA ASP A 321 -19.61 18.64 10.65
C ASP A 321 -18.48 17.72 11.11
N THR A 322 -17.62 18.23 11.98
CA THR A 322 -16.48 17.45 12.48
C THR A 322 -16.73 16.70 13.79
N ARG A 323 -18.00 16.50 14.14
CA ARG A 323 -18.31 15.79 15.37
C ARG A 323 -18.28 14.27 15.13
N THR A 324 -18.62 13.85 13.93
CA THR A 324 -18.66 12.43 13.59
C THR A 324 -17.75 12.11 12.40
N THR A 325 -16.93 11.09 12.55
CA THR A 325 -16.01 10.69 11.51
C THR A 325 -16.77 10.16 10.28
N SER A 326 -17.92 9.55 10.51
CA SER A 326 -18.69 8.97 9.41
C SER A 326 -19.23 9.95 8.37
N SER A 327 -19.17 11.24 8.65
CA SER A 327 -19.64 12.23 7.67
C SER A 327 -18.55 12.37 6.61
N LEU A 328 -17.39 11.80 6.91
CA LEU A 328 -16.25 11.84 6.00
C LEU A 328 -15.81 13.27 5.79
N TRP A 329 -15.90 14.08 6.83
CA TRP A 329 -15.50 15.47 6.72
C TRP A 329 -14.03 15.55 6.30
N LYS A 330 -13.23 14.62 6.80
CA LYS A 330 -11.81 14.60 6.47
C LYS A 330 -11.55 14.41 4.98
N ASP A 331 -12.17 13.41 4.40
CA ASP A 331 -12.00 13.13 2.97
C ASP A 331 -12.42 14.34 2.14
N LYS A 332 -13.51 14.99 2.55
CA LYS A 332 -14.02 16.15 1.84
C LYS A 332 -13.00 17.29 1.82
N ALA A 333 -12.53 17.68 2.99
CA ALA A 333 -11.57 18.76 3.11
C ALA A 333 -10.28 18.46 2.34
N ALA A 334 -9.80 17.22 2.46
CA ALA A 334 -8.57 16.84 1.78
C ALA A 334 -8.73 17.01 0.27
N VAL A 335 -9.83 16.49 -0.25
CA VAL A 335 -10.09 16.58 -1.67
C VAL A 335 -10.11 18.03 -2.15
N GLU A 336 -10.70 18.91 -1.37
CA GLU A 336 -10.74 20.31 -1.77
C GLU A 336 -9.37 20.98 -1.69
N ILE A 337 -8.54 20.55 -0.74
CA ILE A 337 -7.20 21.09 -0.59
C ILE A 337 -6.34 20.68 -1.79
N ASN A 338 -6.57 19.46 -2.28
CA ASN A 338 -5.83 18.96 -3.43
C ASN A 338 -6.27 19.71 -4.68
N VAL A 339 -7.54 20.09 -4.71
CA VAL A 339 -8.06 20.84 -5.84
C VAL A 339 -7.40 22.22 -5.87
N ALA A 340 -7.34 22.87 -4.71
CA ALA A 340 -6.72 24.19 -4.61
C ALA A 340 -5.28 24.17 -5.12
N VAL A 341 -4.52 23.16 -4.70
CA VAL A 341 -3.13 23.04 -5.12
C VAL A 341 -3.05 22.91 -6.64
N LEU A 342 -3.90 22.06 -7.22
CA LEU A 342 -3.91 21.87 -8.66
C LEU A 342 -4.33 23.15 -9.36
N HIS A 343 -5.41 23.75 -8.88
CA HIS A 343 -5.92 24.99 -9.45
C HIS A 343 -4.79 26.04 -9.41
N SER A 344 -4.29 26.29 -8.21
CA SER A 344 -3.24 27.27 -7.99
C SER A 344 -2.00 27.11 -8.85
N TYR A 345 -1.48 25.89 -8.97
CA TYR A 345 -0.28 25.68 -9.78
C TYR A 345 -0.54 25.91 -11.26
N GLN A 346 -1.73 25.53 -11.72
CA GLN A 346 -2.07 25.72 -13.11
C GLN A 346 -2.23 27.23 -13.33
N LEU A 347 -2.85 27.90 -12.37
CA LEU A 347 -3.05 29.34 -12.46
C LEU A 347 -1.72 30.10 -12.57
N ALA A 348 -0.73 29.71 -11.77
CA ALA A 348 0.56 30.36 -11.78
C ALA A 348 1.43 29.84 -12.92
N LYS A 349 0.88 28.93 -13.71
CA LYS A 349 1.60 28.35 -14.84
C LYS A 349 2.84 27.56 -14.40
N VAL A 350 2.75 26.87 -13.26
CA VAL A 350 3.87 26.06 -12.77
C VAL A 350 3.55 24.58 -12.95
N THR A 351 4.48 23.86 -13.56
CA THR A 351 4.27 22.44 -13.79
C THR A 351 3.82 21.69 -12.53
N ILE A 352 2.91 20.76 -12.72
CA ILE A 352 2.39 19.91 -11.65
C ILE A 352 1.49 18.88 -12.30
N VAL A 353 1.42 17.68 -11.73
CA VAL A 353 0.60 16.62 -12.30
C VAL A 353 -0.26 15.98 -11.21
N ASP A 354 -1.53 15.74 -11.50
CA ASP A 354 -2.42 15.12 -10.52
C ASP A 354 -2.17 13.62 -10.44
N HIS A 355 -2.66 13.00 -9.37
CA HIS A 355 -2.44 11.56 -9.15
C HIS A 355 -2.98 10.62 -10.22
N HIS A 356 -4.05 11.03 -10.89
CA HIS A 356 -4.63 10.22 -11.95
C HIS A 356 -3.71 10.22 -13.17
N ALA A 357 -3.44 11.41 -13.70
CA ALA A 357 -2.58 11.54 -14.87
C ALA A 357 -1.23 10.87 -14.63
N ALA A 358 -0.70 11.02 -13.42
CA ALA A 358 0.59 10.45 -13.06
C ALA A 358 0.59 8.94 -12.99
N THR A 359 -0.46 8.37 -12.39
CA THR A 359 -0.53 6.93 -12.29
C THR A 359 -0.78 6.32 -13.65
N ALA A 360 -1.61 6.99 -14.45
CA ALA A 360 -1.89 6.49 -15.79
C ALA A 360 -0.59 6.41 -16.58
N SER A 361 0.22 7.46 -16.50
CA SER A 361 1.47 7.48 -17.24
C SER A 361 2.41 6.37 -16.76
N PHE A 362 2.34 6.06 -15.47
CA PHE A 362 3.19 4.99 -14.92
C PHE A 362 2.77 3.62 -15.42
N MET A 363 1.48 3.41 -15.69
CA MET A 363 1.04 2.13 -16.22
C MET A 363 1.72 2.01 -17.58
N LYS A 364 1.77 3.11 -18.31
CA LYS A 364 2.41 3.15 -19.61
C LYS A 364 3.89 2.80 -19.43
N HIS A 365 4.52 3.38 -18.41
CA HIS A 365 5.93 3.10 -18.13
C HIS A 365 6.16 1.61 -17.92
N LEU A 366 5.33 0.97 -17.10
CA LEU A 366 5.49 -0.46 -16.82
C LEU A 366 5.48 -1.25 -18.12
N GLU A 367 4.58 -0.86 -19.02
CA GLU A 367 4.44 -1.50 -20.30
C GLU A 367 5.72 -1.38 -21.12
N ASN A 368 6.22 -0.16 -21.25
CA ASN A 368 7.44 0.05 -22.02
C ASN A 368 8.60 -0.76 -21.44
N GLU A 369 8.73 -0.73 -20.11
CA GLU A 369 9.78 -1.44 -19.42
C GLU A 369 9.70 -2.95 -19.56
N GLN A 370 8.50 -3.46 -19.79
CA GLN A 370 8.33 -4.91 -19.95
C GLN A 370 8.97 -5.28 -21.29
N LYS A 371 8.68 -4.50 -22.31
CA LYS A 371 9.23 -4.73 -23.64
C LYS A 371 10.73 -4.45 -23.63
N ALA A 372 11.12 -3.42 -22.91
CA ALA A 372 12.52 -3.03 -22.83
C ALA A 372 13.42 -3.99 -22.04
N ARG A 373 13.10 -4.22 -20.77
CA ARG A 373 13.94 -5.09 -19.96
C ARG A 373 13.27 -6.31 -19.33
N GLY A 374 11.98 -6.49 -19.61
CA GLY A 374 11.27 -7.63 -19.07
C GLY A 374 10.88 -7.52 -17.60
N GLY A 375 10.52 -6.31 -17.19
CA GLY A 375 10.13 -6.08 -15.81
C GLY A 375 10.45 -4.67 -15.38
N CYS A 376 10.17 -4.36 -14.12
CA CYS A 376 10.42 -3.02 -13.59
C CYS A 376 10.26 -2.99 -12.08
N PRO A 377 11.35 -2.75 -11.34
CA PRO A 377 11.23 -2.71 -9.89
C PRO A 377 10.22 -1.62 -9.48
N ALA A 378 9.29 -1.98 -8.60
CA ALA A 378 8.27 -1.03 -8.17
C ALA A 378 7.84 -1.28 -6.73
N ASP A 379 7.65 -0.19 -6.00
CA ASP A 379 7.23 -0.24 -4.61
C ASP A 379 5.77 0.15 -4.49
N TRP A 380 4.89 -0.84 -4.52
CA TRP A 380 3.45 -0.64 -4.45
C TRP A 380 3.02 0.46 -3.46
N ALA A 381 3.55 0.38 -2.24
CA ALA A 381 3.21 1.32 -1.19
C ALA A 381 3.53 2.79 -1.50
N TRP A 382 4.52 3.02 -2.36
CA TRP A 382 4.91 4.38 -2.72
C TRP A 382 4.32 4.84 -4.06
N ILE A 383 4.02 3.90 -4.93
CA ILE A 383 3.45 4.23 -6.22
C ILE A 383 2.00 4.65 -6.08
N VAL A 384 1.25 3.96 -5.23
CA VAL A 384 -0.15 4.31 -5.01
C VAL A 384 -0.22 5.64 -4.26
N PRO A 385 -1.01 6.59 -4.75
CA PRO A 385 -1.13 7.89 -4.09
C PRO A 385 -1.85 7.84 -2.73
N PRO A 386 -1.50 8.77 -1.82
CA PRO A 386 -2.09 8.86 -0.48
C PRO A 386 -3.60 9.10 -0.39
N ILE A 387 -4.27 9.30 -1.52
CA ILE A 387 -5.73 9.47 -1.53
C ILE A 387 -6.33 8.91 -2.81
N SER A 388 -7.55 8.39 -2.71
CA SER A 388 -8.24 7.83 -3.87
C SER A 388 -7.43 6.69 -4.49
N GLY A 389 -6.69 5.98 -3.66
CA GLY A 389 -5.87 4.88 -4.11
C GLY A 389 -6.50 3.95 -5.13
N SER A 390 -7.64 3.34 -4.79
CA SER A 390 -8.28 2.40 -5.70
C SER A 390 -8.89 3.07 -6.93
N LEU A 391 -8.96 4.38 -6.93
CA LEU A 391 -9.51 5.08 -8.08
C LEU A 391 -8.43 5.22 -9.16
N THR A 392 -7.19 4.91 -8.82
CA THR A 392 -6.09 5.01 -9.79
C THR A 392 -5.70 3.61 -10.31
N PRO A 393 -5.25 3.52 -11.57
CA PRO A 393 -4.86 2.25 -12.20
C PRO A 393 -3.81 1.39 -11.49
N VAL A 394 -2.82 2.01 -10.87
CA VAL A 394 -1.76 1.26 -10.21
C VAL A 394 -2.23 0.43 -9.01
N PHE A 395 -3.30 0.86 -8.36
CA PHE A 395 -3.81 0.14 -7.19
C PHE A 395 -4.17 -1.31 -7.50
N HIS A 396 -4.62 -1.57 -8.72
CA HIS A 396 -5.02 -2.91 -9.11
C HIS A 396 -3.91 -3.64 -9.85
N GLN A 397 -2.69 -3.13 -9.75
CA GLN A 397 -1.54 -3.72 -10.44
C GLN A 397 -0.49 -4.29 -9.49
N GLU A 398 -0.26 -5.60 -9.57
CA GLU A 398 0.77 -6.23 -8.73
C GLU A 398 2.15 -5.70 -9.18
N MET A 399 3.10 -5.62 -8.25
CA MET A 399 4.43 -5.12 -8.56
C MET A 399 5.49 -5.94 -7.81
N VAL A 400 6.72 -5.90 -8.34
CA VAL A 400 7.84 -6.62 -7.72
C VAL A 400 8.87 -5.57 -7.33
N ASN A 401 9.32 -5.60 -6.09
CA ASN A 401 10.31 -4.63 -5.65
C ASN A 401 11.69 -5.24 -5.45
N TYR A 402 12.69 -4.66 -6.12
CA TYR A 402 14.07 -5.10 -6.02
C TYR A 402 15.03 -3.95 -6.28
N PHE A 403 16.27 -4.11 -5.85
CA PHE A 403 17.31 -3.11 -5.99
C PHE A 403 18.21 -3.35 -7.20
N LEU A 404 18.23 -2.38 -8.11
CA LEU A 404 19.08 -2.46 -9.29
C LEU A 404 20.06 -1.30 -9.21
N SER A 405 21.18 -1.42 -9.91
CA SER A 405 22.20 -0.38 -9.92
C SER A 405 22.53 -0.06 -11.37
N PRO A 406 22.82 1.22 -11.68
CA PRO A 406 22.88 2.42 -10.84
C PRO A 406 21.61 2.66 -10.03
N ALA A 407 21.76 3.40 -8.94
CA ALA A 407 20.61 3.70 -8.09
C ALA A 407 20.84 4.89 -7.18
N PHE A 408 19.74 5.43 -6.67
CA PHE A 408 19.80 6.52 -5.73
C PHE A 408 19.62 5.81 -4.39
N ARG A 409 20.39 6.20 -3.37
CA ARG A 409 20.30 5.55 -2.06
C ARG A 409 20.24 6.52 -0.88
N TYR A 410 19.66 6.04 0.21
CA TYR A 410 19.59 6.85 1.41
C TYR A 410 20.94 6.72 2.10
N GLN A 411 21.25 7.73 2.91
CA GLN A 411 22.52 7.68 3.60
C GLN A 411 22.36 8.43 4.91
N PRO A 412 23.21 8.12 5.89
CA PRO A 412 23.12 8.80 7.19
C PRO A 412 23.39 10.28 7.09
N ASP A 413 22.86 11.06 8.02
CA ASP A 413 23.08 12.50 8.02
C ASP A 413 24.53 12.76 8.38
N PRO A 414 25.15 13.78 7.74
CA PRO A 414 26.55 14.13 8.00
C PRO A 414 26.90 14.55 9.43
N TRP A 415 25.88 14.84 10.23
CA TRP A 415 26.09 15.25 11.61
C TRP A 415 25.73 14.15 12.59
N LYS B 2 17.99 -11.17 14.21
CA LYS B 2 17.67 -9.83 14.66
C LYS B 2 16.19 -9.51 14.42
N PHE B 3 15.48 -9.22 15.49
CA PHE B 3 14.05 -8.90 15.42
C PHE B 3 13.82 -7.63 14.59
N PRO B 4 12.74 -7.59 13.80
CA PRO B 4 12.45 -6.40 12.99
C PRO B 4 12.02 -5.19 13.82
N ARG B 5 12.51 -4.02 13.41
CA ARG B 5 12.21 -2.76 14.07
C ARG B 5 11.06 -2.07 13.32
N VAL B 6 9.91 -1.94 13.98
CA VAL B 6 8.73 -1.31 13.40
C VAL B 6 8.56 0.11 13.96
N LYS B 7 8.46 1.08 13.06
CA LYS B 7 8.31 2.47 13.48
C LYS B 7 7.04 3.14 12.96
N ASN B 8 6.48 4.03 13.77
CA ASN B 8 5.27 4.77 13.36
C ASN B 8 5.83 6.14 13.03
N TRP B 9 5.67 6.57 11.79
CA TRP B 9 6.21 7.85 11.34
C TRP B 9 5.43 9.10 11.68
N GLU B 10 4.23 8.95 12.21
CA GLU B 10 3.41 10.09 12.57
C GLU B 10 3.75 10.49 13.99
N VAL B 11 4.00 9.47 14.80
CA VAL B 11 4.30 9.64 16.21
C VAL B 11 5.77 9.43 16.55
N GLY B 12 6.43 8.54 15.82
CA GLY B 12 7.83 8.27 16.08
C GLY B 12 8.04 7.16 17.09
N SER B 13 6.97 6.50 17.51
CA SER B 13 7.08 5.42 18.47
C SER B 13 7.68 4.20 17.79
N ILE B 14 8.36 3.36 18.56
CA ILE B 14 9.00 2.18 18.00
C ILE B 14 8.78 0.91 18.80
N THR B 15 8.66 -0.21 18.10
CA THR B 15 8.48 -1.51 18.72
C THR B 15 9.30 -2.52 17.94
N TYR B 16 9.40 -3.72 18.47
CA TYR B 16 10.15 -4.76 17.81
C TYR B 16 9.24 -5.97 17.65
N ASP B 17 9.22 -6.55 16.47
CA ASP B 17 8.36 -7.70 16.24
C ASP B 17 9.13 -8.98 16.45
N THR B 18 9.01 -9.54 17.65
CA THR B 18 9.68 -10.77 18.02
C THR B 18 8.77 -11.94 17.72
N LEU B 19 7.53 -11.65 17.41
CA LEU B 19 6.56 -12.69 17.11
C LEU B 19 6.77 -13.29 15.72
N SER B 20 7.37 -12.52 14.81
CA SER B 20 7.59 -12.99 13.45
C SER B 20 8.60 -14.12 13.32
N ALA B 21 9.50 -14.23 14.30
CA ALA B 21 10.52 -15.28 14.28
C ALA B 21 9.89 -16.66 14.47
N GLN B 22 8.61 -16.66 14.85
CA GLN B 22 7.88 -17.90 15.07
C GLN B 22 6.92 -18.18 13.91
N ALA B 23 7.16 -17.52 12.77
CA ALA B 23 6.32 -17.69 11.59
C ALA B 23 6.28 -19.14 11.13
N GLN B 24 5.06 -19.70 11.07
CA GLN B 24 4.83 -21.09 10.69
C GLN B 24 4.96 -21.46 9.22
N GLN B 25 4.50 -20.57 8.33
CA GLN B 25 4.58 -20.82 6.90
C GLN B 25 5.58 -19.85 6.25
N ASP B 26 5.95 -20.14 5.01
CA ASP B 26 6.90 -19.30 4.29
C ASP B 26 6.20 -18.35 3.32
N GLY B 27 6.67 -17.11 3.29
CA GLY B 27 6.09 -16.11 2.41
C GLY B 27 6.76 -16.06 1.05
N PRO B 28 6.22 -15.27 0.11
CA PRO B 28 6.70 -15.08 -1.26
C PRO B 28 8.01 -14.31 -1.40
N CYS B 29 8.24 -13.35 -0.50
CA CYS B 29 9.43 -12.54 -0.57
C CYS B 29 10.72 -13.31 -0.27
N THR B 30 11.82 -12.76 -0.76
CA THR B 30 13.15 -13.30 -0.58
C THR B 30 14.03 -12.07 -0.53
N PRO B 31 15.29 -12.20 -0.08
CA PRO B 31 16.09 -10.98 -0.06
C PRO B 31 16.37 -10.44 -1.46
N ARG B 32 16.10 -11.25 -2.48
CA ARG B 32 16.32 -10.83 -3.85
C ARG B 32 15.23 -9.89 -4.34
N ARG B 33 13.98 -10.20 -4.04
CA ARG B 33 12.86 -9.36 -4.44
C ARG B 33 11.64 -9.56 -3.55
N CYS B 34 10.87 -8.50 -3.38
CA CYS B 34 9.67 -8.52 -2.55
C CYS B 34 8.43 -8.67 -3.42
N LEU B 35 7.53 -9.56 -3.01
CA LEU B 35 6.29 -9.83 -3.72
C LEU B 35 5.13 -9.52 -2.80
N GLY B 36 5.37 -8.64 -1.83
CA GLY B 36 4.33 -8.28 -0.88
C GLY B 36 2.95 -7.96 -1.43
N SER B 37 2.90 -7.34 -2.61
CA SER B 37 1.62 -6.97 -3.21
C SER B 37 0.87 -8.05 -4.00
N LEU B 38 1.42 -9.26 -4.08
CA LEU B 38 0.73 -10.33 -4.80
C LEU B 38 -0.51 -10.76 -4.02
N VAL B 39 -1.65 -10.78 -4.70
CA VAL B 39 -2.90 -11.18 -4.05
C VAL B 39 -2.82 -12.65 -3.60
N PHE B 40 -2.36 -13.52 -4.48
CA PHE B 40 -2.26 -14.94 -4.15
C PHE B 40 -0.85 -15.47 -3.92
N PRO B 41 -0.44 -15.57 -2.64
CA PRO B 41 0.89 -16.07 -2.28
C PRO B 41 0.86 -17.57 -1.94
N PRO B 55 2.29 -36.54 7.58
CA PRO B 55 2.45 -37.60 8.58
C PRO B 55 3.10 -37.06 9.84
N GLU B 56 4.41 -36.83 9.77
CA GLU B 56 5.17 -36.28 10.87
C GLU B 56 4.94 -34.77 10.83
N GLN B 57 4.64 -34.27 9.64
CA GLN B 57 4.38 -32.85 9.44
C GLN B 57 3.06 -32.49 10.13
N LEU B 58 2.10 -33.40 10.08
CA LEU B 58 0.80 -33.18 10.71
C LEU B 58 0.97 -33.19 12.23
N LEU B 59 1.69 -34.18 12.70
CA LEU B 59 1.91 -34.33 14.12
C LEU B 59 2.65 -33.12 14.71
N SER B 60 3.63 -32.57 13.97
CA SER B 60 4.36 -31.44 14.50
C SER B 60 3.48 -30.20 14.52
N GLN B 61 2.48 -30.17 13.64
CA GLN B 61 1.56 -29.04 13.60
C GLN B 61 0.50 -29.19 14.67
N ALA B 62 0.13 -30.44 14.96
CA ALA B 62 -0.87 -30.72 15.97
C ALA B 62 -0.26 -30.45 17.35
N ARG B 63 0.97 -30.90 17.55
CA ARG B 63 1.62 -30.69 18.83
C ARG B 63 1.72 -29.22 19.12
N ASP B 64 2.08 -28.44 18.10
CA ASP B 64 2.20 -27.02 18.29
C ASP B 64 0.86 -26.40 18.63
N PHE B 65 -0.19 -26.83 17.94
CA PHE B 65 -1.51 -26.27 18.21
C PHE B 65 -1.95 -26.60 19.64
N ILE B 66 -1.81 -27.86 20.05
CA ILE B 66 -2.18 -28.31 21.38
C ILE B 66 -1.45 -27.48 22.44
N ASN B 67 -0.18 -27.18 22.16
CA ASN B 67 0.63 -26.38 23.07
C ASN B 67 0.08 -24.96 23.13
N GLN B 68 -0.35 -24.43 21.99
CA GLN B 68 -0.89 -23.08 21.95
C GLN B 68 -2.14 -23.06 22.83
N TYR B 69 -2.92 -24.13 22.72
CA TYR B 69 -4.16 -24.23 23.48
C TYR B 69 -3.95 -24.29 24.98
N TYR B 70 -3.13 -25.22 25.43
CA TYR B 70 -2.91 -25.33 26.86
C TYR B 70 -2.20 -24.11 27.38
N SER B 71 -1.50 -23.44 26.49
CA SER B 71 -0.79 -22.23 26.88
C SER B 71 -1.83 -21.13 27.09
N SER B 72 -2.92 -21.20 26.32
CA SER B 72 -3.98 -20.18 26.41
C SER B 72 -4.85 -20.28 27.67
N ILE B 73 -5.01 -21.48 28.24
CA ILE B 73 -5.79 -21.62 29.46
C ILE B 73 -4.81 -21.68 30.62
N LYS B 74 -3.56 -21.31 30.34
CA LYS B 74 -2.50 -21.29 31.34
C LYS B 74 -2.40 -22.60 32.10
N ARG B 75 -2.32 -23.70 31.35
CA ARG B 75 -2.21 -25.03 31.93
C ARG B 75 -1.08 -25.77 31.22
N SER B 76 -0.22 -25.03 30.56
CA SER B 76 0.89 -25.64 29.85
C SER B 76 1.79 -26.46 30.77
N GLY B 77 2.09 -27.68 30.37
CA GLY B 77 2.94 -28.54 31.17
C GLY B 77 2.24 -29.39 32.21
N SER B 78 0.91 -29.40 32.19
CA SER B 78 0.15 -30.20 33.15
C SER B 78 -0.05 -31.62 32.63
N GLN B 79 -0.66 -32.47 33.44
CA GLN B 79 -0.91 -33.84 33.05
C GLN B 79 -1.95 -33.82 31.92
N ALA B 80 -2.97 -32.98 32.04
CA ALA B 80 -4.01 -32.89 31.03
C ALA B 80 -3.40 -32.53 29.68
N HIS B 81 -2.39 -31.67 29.71
CA HIS B 81 -1.69 -31.22 28.51
C HIS B 81 -0.96 -32.41 27.85
N GLU B 82 -0.15 -33.11 28.65
CA GLU B 82 0.60 -34.26 28.16
C GLU B 82 -0.31 -35.37 27.60
N GLN B 83 -1.41 -35.63 28.30
CA GLN B 83 -2.34 -36.65 27.86
C GLN B 83 -2.98 -36.25 26.55
N ARG B 84 -3.29 -34.97 26.39
CA ARG B 84 -3.90 -34.52 25.13
C ARG B 84 -2.90 -34.66 23.98
N LEU B 85 -1.62 -34.44 24.24
CA LEU B 85 -0.62 -34.58 23.19
C LEU B 85 -0.50 -36.06 22.82
N GLN B 86 -0.35 -36.90 23.82
CA GLN B 86 -0.22 -38.34 23.59
C GLN B 86 -1.46 -38.90 22.93
N GLU B 87 -2.61 -38.32 23.28
CA GLU B 87 -3.88 -38.74 22.74
C GLU B 87 -3.98 -38.50 21.23
N VAL B 88 -3.55 -37.32 20.77
CA VAL B 88 -3.62 -37.03 19.34
C VAL B 88 -2.57 -37.82 18.57
N GLU B 89 -1.45 -38.12 19.24
CA GLU B 89 -0.41 -38.90 18.58
C GLU B 89 -0.90 -40.31 18.29
N ALA B 90 -1.65 -40.90 19.22
CA ALA B 90 -2.17 -42.24 19.05
C ALA B 90 -3.25 -42.26 17.96
N GLU B 91 -4.10 -41.24 17.99
CA GLU B 91 -5.17 -41.14 16.99
C GLU B 91 -4.57 -41.10 15.58
N VAL B 92 -3.47 -40.36 15.45
CA VAL B 92 -2.82 -40.23 14.17
C VAL B 92 -2.14 -41.53 13.77
N ALA B 93 -1.51 -42.19 14.75
CA ALA B 93 -0.84 -43.46 14.48
C ALA B 93 -1.89 -44.46 14.00
N ALA B 94 -3.05 -44.44 14.64
CA ALA B 94 -4.13 -45.37 14.30
C ALA B 94 -4.93 -45.03 13.05
N THR B 95 -5.36 -43.78 12.90
CA THR B 95 -6.19 -43.38 11.77
C THR B 95 -5.60 -42.45 10.73
N GLY B 96 -4.41 -41.93 10.97
CA GLY B 96 -3.79 -41.03 10.00
C GLY B 96 -4.23 -39.60 10.13
N THR B 97 -5.06 -39.32 11.14
CA THR B 97 -5.56 -37.96 11.38
C THR B 97 -6.06 -37.93 12.82
N TYR B 98 -6.74 -36.85 13.21
CA TYR B 98 -7.25 -36.77 14.57
C TYR B 98 -8.38 -35.78 14.65
N GLN B 99 -9.09 -35.80 15.77
CA GLN B 99 -10.22 -34.92 15.96
C GLN B 99 -10.03 -33.94 17.12
N LEU B 100 -10.48 -32.71 16.92
CA LEU B 100 -10.37 -31.69 17.96
C LEU B 100 -11.53 -31.81 18.94
N ARG B 101 -11.37 -31.20 20.10
CA ARG B 101 -12.41 -31.17 21.09
C ARG B 101 -13.09 -29.83 20.82
N GLU B 102 -14.35 -29.71 21.19
CA GLU B 102 -15.08 -28.46 20.95
C GLU B 102 -14.30 -27.24 21.41
N SER B 103 -13.84 -27.27 22.65
CA SER B 103 -13.08 -26.17 23.24
C SER B 103 -11.86 -25.77 22.40
N GLU B 104 -11.27 -26.73 21.70
CA GLU B 104 -10.10 -26.46 20.85
C GLU B 104 -10.55 -25.82 19.53
N LEU B 105 -11.60 -26.37 18.93
CA LEU B 105 -12.11 -25.84 17.68
C LEU B 105 -12.41 -24.35 17.84
N VAL B 106 -13.09 -24.02 18.93
CA VAL B 106 -13.46 -22.65 19.24
C VAL B 106 -12.21 -21.79 19.31
N PHE B 107 -11.23 -22.25 20.09
CA PHE B 107 -9.97 -21.54 20.25
C PHE B 107 -9.29 -21.34 18.91
N GLY B 108 -9.19 -22.42 18.14
CA GLY B 108 -8.56 -22.39 16.83
C GLY B 108 -9.17 -21.39 15.87
N ALA B 109 -10.49 -21.41 15.72
CA ALA B 109 -11.14 -20.48 14.81
C ALA B 109 -10.81 -19.04 15.18
N LYS B 110 -10.75 -18.76 16.47
CA LYS B 110 -10.45 -17.42 16.92
C LYS B 110 -9.03 -16.99 16.57
N GLN B 111 -8.06 -17.87 16.77
CA GLN B 111 -6.69 -17.56 16.44
C GLN B 111 -6.58 -17.32 14.93
N ALA B 112 -7.33 -18.10 14.17
CA ALA B 112 -7.31 -17.98 12.72
C ALA B 112 -7.69 -16.56 12.30
N TRP B 113 -8.69 -15.99 12.97
CA TRP B 113 -9.12 -14.63 12.67
C TRP B 113 -8.03 -13.69 13.15
N ARG B 114 -7.62 -13.90 14.39
CA ARG B 114 -6.57 -13.10 15.01
C ARG B 114 -5.30 -13.03 14.17
N ASN B 115 -4.97 -14.12 13.48
CA ASN B 115 -3.77 -14.18 12.68
C ASN B 115 -3.89 -13.66 11.24
N ALA B 116 -5.11 -13.40 10.78
CA ALA B 116 -5.30 -12.92 9.41
C ALA B 116 -4.69 -11.53 9.21
N PRO B 117 -3.59 -11.46 8.45
CA PRO B 117 -2.84 -10.24 8.14
C PRO B 117 -3.62 -9.14 7.43
N ARG B 118 -4.52 -9.55 6.54
CA ARG B 118 -5.29 -8.57 5.78
C ARG B 118 -6.56 -8.04 6.46
N CYS B 119 -6.81 -8.46 7.70
CA CYS B 119 -8.01 -8.02 8.39
C CYS B 119 -7.84 -6.82 9.32
N VAL B 120 -8.52 -5.72 8.98
CA VAL B 120 -8.45 -4.50 9.75
C VAL B 120 -9.43 -4.49 10.92
N GLY B 121 -10.41 -5.40 10.86
CA GLY B 121 -11.40 -5.51 11.91
C GLY B 121 -10.99 -6.52 12.99
N ARG B 122 -9.69 -6.71 13.22
CA ARG B 122 -9.24 -7.70 14.23
C ARG B 122 -9.38 -7.35 15.72
N ILE B 123 -9.65 -6.10 16.07
CA ILE B 123 -9.83 -5.76 17.50
C ILE B 123 -10.96 -6.61 18.14
N GLN B 124 -11.89 -7.02 17.30
CA GLN B 124 -13.03 -7.81 17.72
C GLN B 124 -12.82 -9.35 17.73
N TRP B 125 -11.61 -9.82 17.43
CA TRP B 125 -11.37 -11.27 17.36
C TRP B 125 -11.81 -12.15 18.54
N GLY B 126 -11.65 -11.68 19.77
CA GLY B 126 -12.03 -12.49 20.91
C GLY B 126 -13.52 -12.74 21.04
N LYS B 127 -14.33 -11.93 20.35
CA LYS B 127 -15.77 -12.06 20.42
C LYS B 127 -16.41 -12.76 19.25
N LEU B 128 -15.75 -13.78 18.74
CA LEU B 128 -16.26 -14.56 17.62
C LEU B 128 -17.09 -15.70 18.18
N GLN B 129 -18.27 -15.91 17.60
CA GLN B 129 -19.15 -16.99 18.03
C GLN B 129 -18.94 -18.16 17.06
N VAL B 130 -18.47 -19.28 17.59
CA VAL B 130 -18.19 -20.46 16.76
C VAL B 130 -19.27 -21.55 16.84
N PHE B 131 -19.85 -21.89 15.69
CA PHE B 131 -20.87 -22.93 15.60
C PHE B 131 -20.27 -24.23 15.04
N ASP B 132 -20.38 -25.30 15.82
CA ASP B 132 -19.83 -26.60 15.47
C ASP B 132 -20.77 -27.45 14.60
N ALA B 133 -20.51 -27.46 13.30
CA ALA B 133 -21.33 -28.24 12.38
C ALA B 133 -20.54 -29.43 11.86
N ARG B 134 -19.68 -29.99 12.71
CA ARG B 134 -18.86 -31.13 12.32
C ARG B 134 -19.69 -32.42 12.22
N ASP B 135 -20.96 -32.33 12.60
CA ASP B 135 -21.86 -33.47 12.53
C ASP B 135 -22.75 -33.36 11.29
N CYS B 136 -22.38 -32.50 10.36
CA CYS B 136 -23.17 -32.32 9.14
C CYS B 136 -23.11 -33.56 8.25
N ARG B 137 -24.28 -34.09 7.88
CA ARG B 137 -24.34 -35.29 7.07
C ARG B 137 -24.67 -35.12 5.59
N SER B 138 -25.19 -33.95 5.21
CA SER B 138 -25.51 -33.74 3.81
C SER B 138 -25.60 -32.28 3.38
N ALA B 139 -25.77 -32.08 2.08
CA ALA B 139 -25.89 -30.74 1.53
C ALA B 139 -27.11 -30.06 2.12
N GLN B 140 -28.16 -30.84 2.34
CA GLN B 140 -29.38 -30.29 2.90
C GLN B 140 -29.13 -29.74 4.30
N GLU B 141 -28.35 -30.46 5.09
CA GLU B 141 -28.04 -30.00 6.44
C GLU B 141 -27.14 -28.76 6.39
N MET B 142 -26.21 -28.75 5.44
CA MET B 142 -25.30 -27.62 5.26
C MET B 142 -26.16 -26.37 5.09
N PHE B 143 -27.12 -26.48 4.19
CA PHE B 143 -28.02 -25.38 3.88
C PHE B 143 -28.78 -24.92 5.11
N THR B 144 -29.12 -25.87 5.97
CA THR B 144 -29.84 -25.51 7.18
C THR B 144 -28.90 -24.72 8.10
N TYR B 145 -27.67 -25.21 8.26
CA TYR B 145 -26.67 -24.57 9.11
C TYR B 145 -26.37 -23.15 8.63
N ILE B 146 -26.22 -23.01 7.31
CA ILE B 146 -25.94 -21.73 6.70
C ILE B 146 -27.07 -20.75 6.96
N CYS B 147 -28.32 -21.19 6.81
CA CYS B 147 -29.44 -20.30 7.06
C CYS B 147 -29.49 -19.85 8.52
N ASN B 148 -29.18 -20.77 9.41
CA ASN B 148 -29.18 -20.45 10.84
C ASN B 148 -28.10 -19.42 11.10
N HIS B 149 -26.90 -19.68 10.55
CA HIS B 149 -25.77 -18.77 10.71
C HIS B 149 -26.22 -17.38 10.26
N ILE B 150 -26.75 -17.30 9.04
CA ILE B 150 -27.21 -16.04 8.49
C ILE B 150 -28.19 -15.33 9.41
N LYS B 151 -29.11 -16.06 10.01
CA LYS B 151 -30.08 -15.46 10.91
C LYS B 151 -29.39 -14.92 12.15
N TYR B 152 -28.64 -15.78 12.82
CA TYR B 152 -27.92 -15.41 14.04
C TYR B 152 -27.01 -14.22 13.81
N ALA B 153 -26.22 -14.30 12.74
CA ALA B 153 -25.28 -13.25 12.41
C ALA B 153 -25.94 -11.95 11.97
N THR B 154 -26.95 -12.05 11.09
CA THR B 154 -27.65 -10.85 10.62
C THR B 154 -28.35 -10.16 11.78
N ASN B 155 -29.05 -10.94 12.60
CA ASN B 155 -29.71 -10.41 13.79
C ASN B 155 -30.46 -9.08 13.53
N ARG B 156 -31.25 -9.05 12.47
CA ARG B 156 -32.04 -7.86 12.13
C ARG B 156 -31.28 -6.56 11.88
N GLY B 157 -29.97 -6.65 11.67
CA GLY B 157 -29.21 -5.43 11.43
C GLY B 157 -28.12 -5.21 12.46
N ASN B 158 -28.32 -5.73 13.67
CA ASN B 158 -27.30 -5.60 14.71
C ASN B 158 -26.40 -6.83 14.54
N LEU B 159 -25.48 -6.74 13.58
CA LEU B 159 -24.57 -7.82 13.24
C LEU B 159 -23.70 -8.41 14.34
N ARG B 160 -23.50 -9.71 14.24
CA ARG B 160 -22.69 -10.46 15.18
C ARG B 160 -21.71 -11.32 14.40
N SER B 161 -20.47 -11.37 14.87
CA SER B 161 -19.42 -12.14 14.22
C SER B 161 -19.62 -13.61 14.50
N ALA B 162 -19.48 -14.44 13.48
CA ALA B 162 -19.66 -15.85 13.68
C ALA B 162 -19.00 -16.67 12.61
N ILE B 163 -18.91 -17.97 12.83
CA ILE B 163 -18.32 -18.86 11.87
C ILE B 163 -18.92 -20.23 12.13
N THR B 164 -19.21 -20.95 11.06
CA THR B 164 -19.76 -22.28 11.17
C THR B 164 -18.76 -23.24 10.54
N VAL B 165 -18.26 -24.17 11.34
CA VAL B 165 -17.28 -25.14 10.87
C VAL B 165 -17.91 -26.47 10.48
N PHE B 166 -17.74 -26.85 9.21
CA PHE B 166 -18.26 -28.11 8.69
C PHE B 166 -17.19 -29.19 8.76
N PRO B 167 -17.57 -30.46 8.54
CA PRO B 167 -16.60 -31.57 8.61
C PRO B 167 -15.25 -31.30 7.98
N GLN B 168 -14.20 -31.74 8.66
CA GLN B 168 -12.83 -31.55 8.19
C GLN B 168 -12.50 -32.41 6.98
N ARG B 169 -11.43 -32.05 6.28
CA ARG B 169 -11.01 -32.82 5.12
C ARG B 169 -10.62 -34.20 5.61
N CYS B 170 -11.00 -35.22 4.86
CA CYS B 170 -10.70 -36.58 5.26
C CYS B 170 -9.93 -37.41 4.25
N PRO B 171 -9.13 -38.36 4.77
CA PRO B 171 -8.33 -39.27 3.93
C PRO B 171 -9.34 -40.25 3.32
N GLY B 172 -9.26 -40.48 2.02
CA GLY B 172 -10.20 -41.39 1.39
C GLY B 172 -11.62 -40.92 1.59
N ARG B 173 -11.92 -39.73 1.08
CA ARG B 173 -13.26 -39.14 1.19
C ARG B 173 -13.22 -37.69 0.71
N GLY B 174 -14.25 -37.31 -0.04
CA GLY B 174 -14.34 -35.95 -0.56
C GLY B 174 -14.67 -34.94 0.52
N ASP B 175 -14.49 -33.66 0.23
CA ASP B 175 -14.76 -32.63 1.22
C ASP B 175 -16.06 -31.87 0.99
N PHE B 176 -16.51 -31.17 2.03
CA PHE B 176 -17.68 -30.31 1.97
C PHE B 176 -17.14 -29.00 1.39
N ARG B 177 -17.89 -28.36 0.51
CA ARG B 177 -17.45 -27.11 -0.08
C ARG B 177 -18.66 -26.30 -0.47
N ILE B 178 -18.57 -24.99 -0.28
CA ILE B 178 -19.64 -24.10 -0.67
C ILE B 178 -19.02 -23.41 -1.88
N TRP B 179 -19.52 -23.73 -3.06
CA TRP B 179 -18.99 -23.16 -4.29
C TRP B 179 -18.96 -21.64 -4.36
N ASN B 180 -19.94 -20.97 -3.79
CA ASN B 180 -19.97 -19.50 -3.82
C ASN B 180 -18.83 -18.94 -2.99
N SER B 181 -18.30 -17.80 -3.42
CA SER B 181 -17.21 -17.16 -2.67
C SER B 181 -17.78 -16.51 -1.41
N GLN B 182 -19.06 -16.17 -1.45
CA GLN B 182 -19.76 -15.56 -0.32
C GLN B 182 -21.18 -16.11 -0.26
N LEU B 183 -21.77 -16.08 0.93
CA LEU B 183 -23.12 -16.57 1.10
C LEU B 183 -24.09 -15.68 0.34
N VAL B 184 -23.84 -14.37 0.36
CA VAL B 184 -24.70 -13.41 -0.33
C VAL B 184 -23.93 -12.63 -1.40
N ARG B 185 -24.27 -12.86 -2.66
CA ARG B 185 -23.64 -12.15 -3.77
C ARG B 185 -24.68 -11.84 -4.83
N TYR B 186 -24.37 -10.88 -5.69
CA TYR B 186 -25.29 -10.49 -6.75
C TYR B 186 -24.83 -11.13 -8.04
N ALA B 187 -25.78 -11.65 -8.81
CA ALA B 187 -25.49 -12.31 -10.08
C ALA B 187 -24.88 -11.36 -11.10
N GLY B 188 -24.19 -11.92 -12.08
CA GLY B 188 -23.58 -11.13 -13.12
C GLY B 188 -23.92 -11.78 -14.45
N TYR B 189 -24.78 -11.13 -15.21
CA TYR B 189 -25.21 -11.65 -16.51
C TYR B 189 -24.44 -10.99 -17.64
N ARG B 190 -23.64 -11.77 -18.36
CA ARG B 190 -22.89 -11.21 -19.47
C ARG B 190 -23.87 -10.90 -20.60
N GLN B 191 -24.28 -9.65 -20.71
CA GLN B 191 -25.21 -9.25 -21.76
C GLN B 191 -24.54 -9.41 -23.11
N GLN B 192 -25.35 -9.61 -24.15
CA GLN B 192 -24.78 -9.80 -25.49
C GLN B 192 -24.39 -8.45 -26.13
N ASP B 193 -23.08 -8.16 -26.08
CA ASP B 193 -22.49 -6.92 -26.64
C ASP B 193 -21.22 -6.59 -25.84
N GLY B 194 -20.83 -7.48 -24.93
CA GLY B 194 -19.65 -7.23 -24.13
C GLY B 194 -19.94 -6.89 -22.65
N SER B 195 -20.91 -6.00 -22.44
CA SER B 195 -21.30 -5.54 -21.11
C SER B 195 -21.76 -6.67 -20.22
N VAL B 196 -21.98 -6.33 -18.95
CA VAL B 196 -22.44 -7.26 -17.93
C VAL B 196 -23.52 -6.66 -17.04
N ARG B 197 -24.66 -7.34 -16.97
CA ARG B 197 -25.73 -6.87 -16.12
C ARG B 197 -25.46 -7.51 -14.76
N GLY B 198 -25.38 -6.70 -13.72
CA GLY B 198 -25.09 -7.21 -12.39
C GLY B 198 -23.65 -6.97 -11.98
N ASP B 199 -23.15 -7.79 -11.06
CA ASP B 199 -21.78 -7.67 -10.57
C ASP B 199 -20.84 -8.49 -11.47
N PRO B 200 -20.03 -7.82 -12.28
CA PRO B 200 -19.08 -8.51 -13.18
C PRO B 200 -18.26 -9.60 -12.49
N ALA B 201 -17.97 -9.39 -11.21
CA ALA B 201 -17.17 -10.33 -10.45
C ALA B 201 -17.79 -11.72 -10.31
N ASN B 202 -19.11 -11.78 -10.36
CA ASN B 202 -19.78 -13.06 -10.19
C ASN B 202 -20.31 -13.72 -11.46
N VAL B 203 -19.73 -13.33 -12.58
CA VAL B 203 -20.10 -13.87 -13.88
C VAL B 203 -19.94 -15.38 -13.93
N GLU B 204 -18.78 -15.86 -13.49
CA GLU B 204 -18.52 -17.29 -13.50
C GLU B 204 -19.42 -18.09 -12.59
N ILE B 205 -19.54 -17.65 -11.35
CA ILE B 205 -20.38 -18.34 -10.38
C ILE B 205 -21.85 -18.27 -10.81
N THR B 206 -22.22 -17.17 -11.46
CA THR B 206 -23.58 -16.99 -11.93
C THR B 206 -23.89 -18.05 -12.98
N GLU B 207 -22.98 -18.20 -13.93
CA GLU B 207 -23.15 -19.16 -15.01
C GLU B 207 -23.12 -20.61 -14.53
N LEU B 208 -22.42 -20.86 -13.42
CA LEU B 208 -22.36 -22.22 -12.87
C LEU B 208 -23.70 -22.56 -12.21
N CYS B 209 -24.37 -21.55 -11.66
CA CYS B 209 -25.66 -21.76 -11.01
C CYS B 209 -26.69 -22.08 -12.07
N ILE B 210 -26.52 -21.48 -13.24
CA ILE B 210 -27.42 -21.68 -14.38
C ILE B 210 -27.15 -23.06 -14.98
N GLN B 211 -25.88 -23.39 -15.15
CA GLN B 211 -25.50 -24.67 -15.69
C GLN B 211 -26.07 -25.77 -14.80
N HIS B 212 -26.23 -25.47 -13.51
CA HIS B 212 -26.78 -26.45 -12.58
C HIS B 212 -28.25 -26.25 -12.29
N GLY B 213 -29.01 -25.89 -13.32
CA GLY B 213 -30.45 -25.74 -13.18
C GLY B 213 -31.08 -24.48 -12.61
N TRP B 214 -30.31 -23.41 -12.39
CA TRP B 214 -30.92 -22.20 -11.85
C TRP B 214 -31.58 -21.42 -12.97
N THR B 215 -32.78 -20.91 -12.71
CA THR B 215 -33.47 -20.11 -13.70
C THR B 215 -33.17 -18.69 -13.23
N PRO B 216 -32.32 -17.97 -13.99
CA PRO B 216 -31.88 -16.60 -13.72
C PRO B 216 -32.93 -15.48 -13.67
N GLY B 217 -32.45 -14.30 -13.33
CA GLY B 217 -33.27 -13.12 -13.28
C GLY B 217 -32.64 -12.19 -14.30
N ASN B 218 -32.90 -10.89 -14.19
CA ASN B 218 -32.30 -9.95 -15.13
C ASN B 218 -32.05 -8.59 -14.48
N GLY B 219 -32.06 -8.58 -13.15
CA GLY B 219 -31.83 -7.36 -12.41
C GLY B 219 -30.35 -7.11 -12.16
N ARG B 220 -30.02 -5.98 -11.57
CA ARG B 220 -28.63 -5.63 -11.29
C ARG B 220 -28.20 -6.18 -9.93
N PHE B 221 -29.17 -6.43 -9.07
CA PHE B 221 -28.87 -6.93 -7.74
C PHE B 221 -29.68 -8.17 -7.40
N ASP B 222 -29.53 -9.21 -8.23
CA ASP B 222 -30.23 -10.46 -7.99
C ASP B 222 -29.40 -11.35 -7.10
N VAL B 223 -29.92 -11.67 -5.91
CA VAL B 223 -29.23 -12.54 -4.97
C VAL B 223 -29.03 -13.92 -5.57
N LEU B 224 -27.81 -14.42 -5.51
CA LEU B 224 -27.49 -15.73 -6.06
C LEU B 224 -27.91 -16.89 -5.17
N PRO B 225 -28.15 -18.06 -5.79
CA PRO B 225 -28.54 -19.25 -5.03
C PRO B 225 -27.24 -19.91 -4.58
N LEU B 226 -27.30 -20.71 -3.52
CA LEU B 226 -26.08 -21.36 -3.04
C LEU B 226 -25.86 -22.70 -3.73
N LEU B 227 -24.59 -22.99 -4.01
CA LEU B 227 -24.22 -24.24 -4.66
C LEU B 227 -23.40 -25.01 -3.62
N LEU B 228 -24.11 -25.83 -2.82
CA LEU B 228 -23.49 -26.60 -1.76
C LEU B 228 -23.06 -28.00 -2.18
N GLN B 229 -21.87 -28.38 -1.74
CA GLN B 229 -21.31 -29.68 -2.08
C GLN B 229 -21.07 -30.58 -0.88
N ALA B 230 -21.67 -31.76 -0.92
CA ALA B 230 -21.50 -32.77 0.11
C ALA B 230 -20.39 -33.66 -0.42
N PRO B 231 -19.59 -34.26 0.47
CA PRO B 231 -18.49 -35.14 0.02
C PRO B 231 -18.90 -36.14 -1.06
N ASP B 232 -18.13 -36.15 -2.15
CA ASP B 232 -18.38 -37.07 -3.26
C ASP B 232 -19.80 -36.92 -3.80
N GLU B 233 -20.23 -35.67 -3.99
CA GLU B 233 -21.55 -35.38 -4.51
C GLU B 233 -21.50 -34.19 -5.44
N PRO B 234 -22.29 -34.21 -6.51
CA PRO B 234 -22.23 -33.05 -7.38
C PRO B 234 -22.95 -31.98 -6.57
N PRO B 235 -22.56 -30.71 -6.73
CA PRO B 235 -23.23 -29.65 -5.96
C PRO B 235 -24.73 -29.55 -6.15
N GLU B 236 -25.46 -29.46 -5.05
CA GLU B 236 -26.90 -29.31 -5.11
C GLU B 236 -27.11 -27.81 -5.09
N LEU B 237 -28.26 -27.36 -5.55
CA LEU B 237 -28.55 -25.93 -5.60
C LEU B 237 -29.60 -25.56 -4.56
N PHE B 238 -29.47 -24.39 -3.96
CA PHE B 238 -30.43 -23.95 -2.96
C PHE B 238 -30.67 -22.45 -3.06
N LEU B 239 -31.89 -22.03 -2.77
CA LEU B 239 -32.26 -20.62 -2.82
C LEU B 239 -32.44 -20.09 -1.41
N LEU B 240 -31.87 -18.91 -1.16
CA LEU B 240 -31.99 -18.29 0.15
C LEU B 240 -33.33 -17.59 0.30
N PRO B 241 -34.05 -17.88 1.40
CA PRO B 241 -35.34 -17.23 1.62
C PRO B 241 -35.12 -15.72 1.64
N PRO B 242 -35.77 -15.00 0.72
CA PRO B 242 -35.59 -13.55 0.69
C PRO B 242 -35.67 -12.88 2.06
N GLU B 243 -36.62 -13.29 2.88
CA GLU B 243 -36.75 -12.68 4.20
C GLU B 243 -35.50 -12.87 5.05
N LEU B 244 -34.54 -13.64 4.55
CA LEU B 244 -33.29 -13.92 5.25
C LEU B 244 -32.20 -12.95 4.87
N VAL B 245 -32.13 -12.62 3.59
CA VAL B 245 -31.13 -11.71 3.04
C VAL B 245 -31.46 -10.25 3.29
N LEU B 246 -30.96 -9.69 4.40
CA LEU B 246 -31.23 -8.28 4.70
C LEU B 246 -30.43 -7.38 3.75
N GLU B 247 -31.10 -6.42 3.13
CA GLU B 247 -30.46 -5.50 2.20
C GLU B 247 -30.69 -4.04 2.55
N VAL B 248 -29.89 -3.17 1.94
CA VAL B 248 -29.98 -1.73 2.20
C VAL B 248 -30.11 -0.89 0.93
N PRO B 249 -31.19 -0.08 0.83
CA PRO B 249 -31.33 0.74 -0.36
C PRO B 249 -30.42 1.95 -0.16
N LEU B 250 -29.58 2.25 -1.15
CA LEU B 250 -28.67 3.38 -1.01
C LEU B 250 -29.26 4.73 -1.39
N GLU B 251 -29.09 5.69 -0.50
CA GLU B 251 -29.59 7.04 -0.73
C GLU B 251 -28.59 8.02 -0.13
N HIS B 252 -28.50 9.20 -0.71
CA HIS B 252 -27.58 10.22 -0.20
C HIS B 252 -28.35 11.17 0.72
N PRO B 253 -27.69 11.71 1.75
CA PRO B 253 -28.35 12.62 2.69
C PRO B 253 -28.76 14.00 2.15
N THR B 254 -28.13 14.47 1.09
CA THR B 254 -28.49 15.77 0.53
C THR B 254 -28.69 15.71 -0.99
N LEU B 255 -28.00 14.79 -1.66
CA LEU B 255 -28.15 14.63 -3.11
C LEU B 255 -29.40 13.77 -3.33
N GLU B 256 -30.56 14.43 -3.32
CA GLU B 256 -31.83 13.74 -3.48
C GLU B 256 -31.97 12.78 -4.65
N TRP B 257 -31.27 13.03 -5.75
CA TRP B 257 -31.37 12.13 -6.89
C TRP B 257 -30.67 10.80 -6.71
N PHE B 258 -29.81 10.67 -5.70
CA PHE B 258 -29.09 9.42 -5.49
C PHE B 258 -30.01 8.22 -5.38
N ALA B 259 -30.96 8.30 -4.44
CA ALA B 259 -31.91 7.22 -4.22
C ALA B 259 -32.50 6.67 -5.53
N ALA B 260 -32.80 7.57 -6.46
CA ALA B 260 -33.39 7.19 -7.73
C ALA B 260 -32.50 6.30 -8.60
N LEU B 261 -31.25 6.11 -8.20
CA LEU B 261 -30.34 5.27 -8.98
C LEU B 261 -30.64 3.81 -8.68
N GLY B 262 -31.52 3.59 -7.72
CA GLY B 262 -31.93 2.24 -7.34
C GLY B 262 -30.80 1.34 -6.91
N LEU B 263 -29.75 1.92 -6.33
CA LEU B 263 -28.59 1.13 -5.87
C LEU B 263 -28.86 0.54 -4.47
N ARG B 264 -28.24 -0.59 -4.17
CA ARG B 264 -28.43 -1.25 -2.90
C ARG B 264 -27.31 -2.26 -2.63
N TRP B 265 -27.22 -2.73 -1.40
CA TRP B 265 -26.20 -3.72 -1.07
C TRP B 265 -26.71 -4.50 0.14
N TYR B 266 -26.28 -5.74 0.25
CA TYR B 266 -26.69 -6.59 1.34
C TYR B 266 -25.95 -6.22 2.60
N ALA B 267 -26.48 -6.66 3.73
CA ALA B 267 -25.87 -6.33 5.00
C ALA B 267 -24.84 -7.33 5.50
N LEU B 268 -24.93 -8.57 5.03
CA LEU B 268 -24.04 -9.61 5.52
C LEU B 268 -22.85 -10.00 4.69
N PRO B 269 -21.64 -9.63 5.16
CA PRO B 269 -20.37 -9.95 4.48
C PRO B 269 -19.96 -11.30 5.04
N ALA B 270 -20.06 -12.33 4.22
CA ALA B 270 -19.72 -13.67 4.67
C ALA B 270 -18.84 -14.42 3.68
N VAL B 271 -17.57 -14.58 4.03
CA VAL B 271 -16.63 -15.29 3.17
C VAL B 271 -16.94 -16.77 3.36
N SER B 272 -17.08 -17.49 2.24
CA SER B 272 -17.40 -18.90 2.33
C SER B 272 -16.55 -19.83 1.46
N ASN B 273 -15.49 -19.32 0.86
CA ASN B 273 -14.67 -20.17 0.02
C ASN B 273 -13.23 -20.35 0.50
N MET B 274 -12.93 -19.88 1.71
CA MET B 274 -11.58 -20.02 2.24
C MET B 274 -11.46 -21.29 3.07
N LEU B 275 -10.24 -21.75 3.29
CA LEU B 275 -9.98 -22.96 4.06
C LEU B 275 -9.46 -22.61 5.44
N LEU B 276 -10.02 -23.23 6.47
CA LEU B 276 -9.61 -23.00 7.84
C LEU B 276 -8.67 -24.10 8.26
N GLU B 277 -7.46 -23.72 8.69
CA GLU B 277 -6.47 -24.70 9.12
C GLU B 277 -6.16 -24.61 10.60
N ILE B 278 -6.29 -25.73 11.30
CA ILE B 278 -6.00 -25.78 12.73
C ILE B 278 -5.23 -27.04 13.10
N GLY B 279 -4.01 -26.86 13.58
CA GLY B 279 -3.20 -27.99 13.98
C GLY B 279 -3.00 -29.02 12.89
N GLY B 280 -2.69 -28.57 11.68
CA GLY B 280 -2.49 -29.51 10.59
C GLY B 280 -3.78 -30.04 9.99
N LEU B 281 -4.90 -29.76 10.64
CA LEU B 281 -6.19 -30.19 10.14
C LEU B 281 -6.75 -29.11 9.22
N GLU B 282 -7.46 -29.53 8.18
CA GLU B 282 -8.02 -28.58 7.23
C GLU B 282 -9.53 -28.69 7.13
N PHE B 283 -10.19 -27.53 7.10
CA PHE B 283 -11.63 -27.48 6.98
C PHE B 283 -11.96 -26.68 5.71
N PRO B 284 -12.16 -27.40 4.60
CA PRO B 284 -12.48 -26.80 3.30
C PRO B 284 -13.74 -25.96 3.28
N ALA B 285 -14.61 -26.19 4.26
CA ALA B 285 -15.85 -25.43 4.34
C ALA B 285 -16.05 -24.94 5.77
N ALA B 286 -16.06 -23.62 5.95
CA ALA B 286 -16.21 -23.01 7.25
C ALA B 286 -16.46 -21.54 7.06
N PRO B 287 -17.63 -21.18 6.52
CA PRO B 287 -18.00 -19.78 6.28
C PRO B 287 -17.98 -18.91 7.53
N PHE B 288 -17.50 -17.69 7.38
CA PHE B 288 -17.46 -16.75 8.49
C PHE B 288 -17.94 -15.38 8.05
N SER B 289 -18.42 -14.58 9.00
CA SER B 289 -18.94 -13.27 8.68
C SER B 289 -18.81 -12.34 9.85
N GLY B 290 -18.96 -11.05 9.57
CA GLY B 290 -18.88 -10.03 10.60
C GLY B 290 -19.72 -8.91 10.05
N TRP B 291 -19.11 -7.77 9.75
CA TRP B 291 -19.87 -6.67 9.17
C TRP B 291 -18.89 -5.90 8.29
N TYR B 292 -19.43 -5.03 7.44
CA TYR B 292 -18.68 -4.20 6.48
C TYR B 292 -18.00 -2.91 6.97
N MET B 293 -17.00 -2.50 6.19
CA MET B 293 -16.28 -1.25 6.45
C MET B 293 -16.77 -0.51 5.21
N SER B 294 -17.33 0.68 5.40
CA SER B 294 -17.88 1.45 4.29
C SER B 294 -17.14 1.45 2.96
N THR B 295 -15.85 1.70 3.01
CA THR B 295 -15.06 1.73 1.78
C THR B 295 -15.23 0.49 0.92
N GLU B 296 -15.56 -0.64 1.52
CA GLU B 296 -15.72 -1.86 0.74
C GLU B 296 -16.87 -1.80 -0.25
N ILE B 297 -17.95 -1.14 0.15
CA ILE B 297 -19.11 -1.03 -0.72
C ILE B 297 -19.03 0.18 -1.65
N GLY B 298 -18.99 1.36 -1.05
CA GLY B 298 -18.93 2.59 -1.84
C GLY B 298 -17.72 2.76 -2.73
N THR B 299 -16.55 2.37 -2.26
CA THR B 299 -15.35 2.53 -3.05
C THR B 299 -14.99 1.35 -3.95
N ARG B 300 -14.89 0.16 -3.38
CA ARG B 300 -14.52 -1.01 -4.18
C ARG B 300 -15.61 -1.66 -5.01
N ASN B 301 -16.70 -2.08 -4.38
CA ASN B 301 -17.77 -2.74 -5.12
C ASN B 301 -18.51 -1.83 -6.10
N LEU B 302 -18.74 -0.57 -5.71
CA LEU B 302 -19.46 0.36 -6.59
C LEU B 302 -18.60 1.19 -7.55
N CYS B 303 -17.34 1.45 -7.21
CA CYS B 303 -16.51 2.26 -8.09
C CYS B 303 -15.40 1.58 -8.90
N ASP B 304 -15.07 0.33 -8.59
CA ASP B 304 -14.05 -0.40 -9.34
C ASP B 304 -14.54 -0.46 -10.79
N PRO B 305 -13.68 -0.09 -11.75
CA PRO B 305 -14.13 -0.13 -13.14
C PRO B 305 -14.59 -1.52 -13.58
N HIS B 306 -14.01 -2.56 -12.99
CA HIS B 306 -14.38 -3.94 -13.30
C HIS B 306 -15.45 -4.49 -12.37
N ARG B 307 -16.12 -3.59 -11.64
CA ARG B 307 -17.20 -3.98 -10.72
C ARG B 307 -18.42 -3.18 -11.17
N TYR B 308 -19.23 -2.69 -10.24
CA TYR B 308 -20.40 -1.95 -10.67
C TYR B 308 -20.01 -0.66 -11.39
N ASN B 309 -18.73 -0.30 -11.28
CA ASN B 309 -18.18 0.88 -11.93
C ASN B 309 -19.22 2.02 -12.20
N ILE B 310 -19.71 2.64 -11.14
CA ILE B 310 -20.71 3.72 -11.25
C ILE B 310 -20.18 5.16 -11.06
N LEU B 311 -18.86 5.31 -10.98
CA LEU B 311 -18.24 6.62 -10.75
C LEU B 311 -18.65 7.74 -11.71
N GLU B 312 -18.55 7.50 -13.01
CA GLU B 312 -18.90 8.53 -13.98
C GLU B 312 -20.36 8.95 -13.90
N ASP B 313 -21.26 7.97 -13.87
CA ASP B 313 -22.68 8.29 -13.80
C ASP B 313 -23.00 9.19 -12.63
N VAL B 314 -22.31 9.01 -11.52
CA VAL B 314 -22.55 9.83 -10.34
C VAL B 314 -21.92 11.21 -10.46
N ALA B 315 -20.69 11.26 -10.98
CA ALA B 315 -20.00 12.53 -11.15
C ALA B 315 -20.83 13.42 -12.07
N VAL B 316 -21.48 12.79 -13.04
CA VAL B 316 -22.34 13.48 -14.00
C VAL B 316 -23.58 14.06 -13.33
N CYS B 317 -24.24 13.25 -12.50
CA CYS B 317 -25.43 13.68 -11.80
C CYS B 317 -25.06 14.75 -10.78
N MET B 318 -23.81 14.72 -10.33
CA MET B 318 -23.33 15.71 -9.37
C MET B 318 -23.04 16.96 -10.16
N ASP B 319 -23.05 16.79 -11.47
CA ASP B 319 -22.80 17.87 -12.41
C ASP B 319 -21.38 18.41 -12.31
N LEU B 320 -20.41 17.52 -12.21
CA LEU B 320 -19.00 17.88 -12.11
C LEU B 320 -18.34 17.88 -13.50
N ASP B 321 -17.28 18.67 -13.66
CA ASP B 321 -16.60 18.71 -14.96
C ASP B 321 -15.69 17.50 -15.13
N THR B 322 -16.22 16.49 -15.81
CA THR B 322 -15.48 15.26 -16.05
C THR B 322 -14.59 15.37 -17.29
N ARG B 323 -14.42 16.59 -17.79
CA ARG B 323 -13.61 16.79 -18.98
C ARG B 323 -12.12 16.67 -18.67
N THR B 324 -11.74 17.03 -17.45
CA THR B 324 -10.36 16.96 -17.06
C THR B 324 -10.13 16.31 -15.69
N THR B 325 -9.15 15.41 -15.64
CA THR B 325 -8.79 14.68 -14.43
C THR B 325 -8.39 15.62 -13.30
N SER B 326 -7.71 16.71 -13.65
CA SER B 326 -7.22 17.67 -12.66
C SER B 326 -8.28 18.32 -11.78
N SER B 327 -9.56 18.11 -12.07
CA SER B 327 -10.61 18.70 -11.23
C SER B 327 -10.99 17.75 -10.10
N LEU B 328 -10.38 16.57 -10.11
CA LEU B 328 -10.62 15.54 -9.09
C LEU B 328 -12.08 15.18 -8.96
N TRP B 329 -12.78 15.12 -10.09
CA TRP B 329 -14.20 14.78 -10.07
C TRP B 329 -14.42 13.35 -9.60
N LYS B 330 -13.46 12.47 -9.88
CA LYS B 330 -13.56 11.08 -9.47
C LYS B 330 -13.45 10.99 -7.95
N ASP B 331 -12.55 11.79 -7.38
CA ASP B 331 -12.35 11.80 -5.94
C ASP B 331 -13.62 12.32 -5.26
N LYS B 332 -14.22 13.36 -5.83
CA LYS B 332 -15.45 13.95 -5.27
C LYS B 332 -16.64 13.01 -5.35
N ALA B 333 -16.80 12.35 -6.49
CA ALA B 333 -17.92 11.43 -6.68
C ALA B 333 -17.80 10.27 -5.70
N ALA B 334 -16.62 9.66 -5.68
CA ALA B 334 -16.37 8.53 -4.80
C ALA B 334 -16.66 8.90 -3.36
N VAL B 335 -16.15 10.03 -2.90
CA VAL B 335 -16.36 10.43 -1.52
C VAL B 335 -17.85 10.47 -1.18
N GLU B 336 -18.66 11.10 -2.04
CA GLU B 336 -20.09 11.18 -1.79
C GLU B 336 -20.76 9.80 -1.72
N ILE B 337 -20.34 8.91 -2.63
CA ILE B 337 -20.87 7.55 -2.68
C ILE B 337 -20.59 6.84 -1.36
N ASN B 338 -19.42 7.06 -0.81
CA ASN B 338 -19.06 6.45 0.47
C ASN B 338 -19.95 7.06 1.54
N VAL B 339 -20.25 8.35 1.40
CA VAL B 339 -21.11 9.01 2.37
C VAL B 339 -22.50 8.39 2.29
N ALA B 340 -22.95 8.12 1.07
CA ALA B 340 -24.27 7.53 0.85
C ALA B 340 -24.36 6.17 1.53
N VAL B 341 -23.35 5.33 1.33
CA VAL B 341 -23.33 4.01 1.93
C VAL B 341 -23.48 4.14 3.45
N LEU B 342 -22.61 4.92 4.07
CA LEU B 342 -22.67 5.12 5.51
C LEU B 342 -24.04 5.63 5.93
N HIS B 343 -24.51 6.69 5.26
CA HIS B 343 -25.81 7.29 5.56
C HIS B 343 -26.92 6.24 5.53
N SER B 344 -26.98 5.49 4.43
CA SER B 344 -27.99 4.47 4.23
C SER B 344 -27.96 3.35 5.28
N TYR B 345 -26.77 2.91 5.67
CA TYR B 345 -26.69 1.85 6.67
C TYR B 345 -27.07 2.36 8.04
N GLN B 346 -26.58 3.53 8.41
CA GLN B 346 -26.90 4.07 9.72
C GLN B 346 -28.42 4.28 9.78
N LEU B 347 -28.99 4.69 8.66
CA LEU B 347 -30.42 4.92 8.56
C LEU B 347 -31.22 3.62 8.69
N ALA B 348 -30.77 2.58 7.99
CA ALA B 348 -31.43 1.29 8.00
C ALA B 348 -31.13 0.45 9.24
N LYS B 349 -30.40 1.02 10.19
CA LYS B 349 -30.05 0.34 11.43
C LYS B 349 -29.21 -0.93 11.22
N VAL B 350 -28.41 -0.93 10.15
CA VAL B 350 -27.55 -2.04 9.84
C VAL B 350 -26.12 -1.70 10.25
N THR B 351 -25.48 -2.61 10.97
CA THR B 351 -24.10 -2.40 11.43
C THR B 351 -23.15 -2.06 10.30
N ILE B 352 -22.30 -1.05 10.52
CA ILE B 352 -21.31 -0.64 9.54
C ILE B 352 -20.28 0.28 10.18
N VAL B 353 -19.05 0.25 9.66
CA VAL B 353 -18.00 1.11 10.21
C VAL B 353 -17.17 1.79 9.11
N ASP B 354 -16.89 3.07 9.29
CA ASP B 354 -16.11 3.81 8.31
C ASP B 354 -14.61 3.56 8.49
N HIS B 355 -13.83 3.90 7.47
CA HIS B 355 -12.38 3.67 7.50
C HIS B 355 -11.59 4.44 8.55
N HIS B 356 -12.13 5.55 9.06
CA HIS B 356 -11.43 6.30 10.08
C HIS B 356 -11.55 5.56 11.41
N ALA B 357 -12.74 5.11 11.74
CA ALA B 357 -12.94 4.38 12.98
C ALA B 357 -12.29 2.99 12.91
N ALA B 358 -12.48 2.29 11.79
CA ALA B 358 -11.91 0.97 11.60
C ALA B 358 -10.39 1.03 11.76
N THR B 359 -9.75 1.95 11.04
CA THR B 359 -8.29 2.06 11.13
C THR B 359 -7.86 2.48 12.53
N ALA B 360 -8.61 3.38 13.15
CA ALA B 360 -8.25 3.84 14.48
C ALA B 360 -8.29 2.70 15.49
N SER B 361 -9.32 1.86 15.40
CA SER B 361 -9.42 0.72 16.32
C SER B 361 -8.29 -0.28 16.04
N PHE B 362 -7.94 -0.46 14.76
CA PHE B 362 -6.87 -1.40 14.43
C PHE B 362 -5.56 -1.00 15.07
N MET B 363 -5.33 0.31 15.22
CA MET B 363 -4.10 0.78 15.86
C MET B 363 -4.11 0.33 17.32
N LYS B 364 -5.31 0.27 17.92
CA LYS B 364 -5.44 -0.16 19.31
C LYS B 364 -5.09 -1.64 19.34
N HIS B 365 -5.60 -2.37 18.36
CA HIS B 365 -5.35 -3.79 18.25
C HIS B 365 -3.84 -4.07 18.15
N LEU B 366 -3.11 -3.23 17.42
CA LEU B 366 -1.67 -3.43 17.27
C LEU B 366 -1.01 -3.26 18.62
N GLU B 367 -1.48 -2.28 19.36
CA GLU B 367 -0.96 -1.98 20.69
C GLU B 367 -1.27 -3.14 21.64
N ASN B 368 -2.49 -3.70 21.55
CA ASN B 368 -2.87 -4.82 22.40
C ASN B 368 -2.02 -6.05 22.12
N GLU B 369 -1.84 -6.35 20.84
CA GLU B 369 -1.06 -7.50 20.42
C GLU B 369 0.42 -7.37 20.77
N GLN B 370 0.96 -6.17 20.70
CA GLN B 370 2.38 -5.98 21.01
C GLN B 370 2.62 -6.45 22.43
N LYS B 371 1.70 -6.14 23.34
CA LYS B 371 1.81 -6.55 24.74
C LYS B 371 1.49 -8.03 24.93
N ALA B 372 0.59 -8.56 24.11
CA ALA B 372 0.18 -9.95 24.23
C ALA B 372 1.12 -11.00 23.63
N ARG B 373 1.60 -10.75 22.41
CA ARG B 373 2.48 -11.71 21.74
C ARG B 373 3.77 -11.12 21.18
N GLY B 374 3.99 -9.82 21.41
CA GLY B 374 5.20 -9.18 20.92
C GLY B 374 5.20 -8.99 19.41
N GLY B 375 4.02 -8.76 18.85
CA GLY B 375 3.91 -8.55 17.41
C GLY B 375 2.51 -8.77 16.87
N CYS B 376 2.33 -8.47 15.59
CA CYS B 376 1.06 -8.64 14.91
C CYS B 376 1.28 -8.74 13.42
N PRO B 377 0.88 -9.85 12.80
CA PRO B 377 1.09 -9.92 11.36
C PRO B 377 0.08 -9.02 10.66
N ALA B 378 0.58 -8.10 9.85
CA ALA B 378 -0.29 -7.19 9.13
C ALA B 378 0.18 -6.98 7.70
N ASP B 379 -0.78 -6.93 6.78
CA ASP B 379 -0.53 -6.71 5.37
C ASP B 379 -0.88 -5.25 5.09
N TRP B 380 0.13 -4.39 5.13
CA TRP B 380 -0.06 -2.95 4.92
C TRP B 380 -0.98 -2.60 3.76
N ALA B 381 -0.71 -3.21 2.60
CA ALA B 381 -1.49 -2.93 1.40
C ALA B 381 -2.98 -3.25 1.52
N TRP B 382 -3.35 -4.10 2.47
CA TRP B 382 -4.76 -4.45 2.64
C TRP B 382 -5.35 -3.75 3.85
N ILE B 383 -4.49 -3.37 4.80
CA ILE B 383 -4.93 -2.69 6.01
C ILE B 383 -5.25 -1.22 5.72
N VAL B 384 -4.57 -0.65 4.73
CA VAL B 384 -4.81 0.74 4.35
C VAL B 384 -6.06 0.82 3.45
N PRO B 385 -7.03 1.66 3.82
CA PRO B 385 -8.26 1.80 3.02
C PRO B 385 -8.04 2.30 1.60
N PRO B 386 -8.91 1.85 0.66
CA PRO B 386 -8.89 2.21 -0.77
C PRO B 386 -8.92 3.70 -1.10
N ILE B 387 -9.46 4.52 -0.20
CA ILE B 387 -9.47 5.96 -0.43
C ILE B 387 -9.00 6.63 0.85
N SER B 388 -8.49 7.85 0.74
CA SER B 388 -8.04 8.61 1.91
C SER B 388 -6.97 7.92 2.77
N GLY B 389 -6.14 7.11 2.15
CA GLY B 389 -5.09 6.42 2.88
C GLY B 389 -4.38 7.14 4.01
N SER B 390 -3.55 8.13 3.68
CA SER B 390 -2.79 8.86 4.70
C SER B 390 -3.60 9.72 5.68
N LEU B 391 -4.92 9.68 5.56
CA LEU B 391 -5.76 10.43 6.48
C LEU B 391 -6.07 9.52 7.65
N THR B 392 -5.82 8.22 7.47
CA THR B 392 -6.04 7.24 8.53
C THR B 392 -4.70 6.95 9.18
N PRO B 393 -4.68 6.56 10.46
CA PRO B 393 -3.43 6.27 11.16
C PRO B 393 -2.62 5.07 10.70
N VAL B 394 -3.23 4.10 10.03
CA VAL B 394 -2.46 2.93 9.59
C VAL B 394 -1.46 3.23 8.50
N PHE B 395 -1.72 4.24 7.69
CA PHE B 395 -0.81 4.59 6.59
C PHE B 395 0.61 4.87 7.11
N HIS B 396 0.71 5.53 8.25
CA HIS B 396 1.99 5.92 8.85
C HIS B 396 2.62 4.89 9.76
N GLN B 397 2.03 3.71 9.77
CA GLN B 397 2.50 2.61 10.62
C GLN B 397 3.22 1.54 9.81
N GLU B 398 4.48 1.27 10.15
CA GLU B 398 5.20 0.21 9.45
C GLU B 398 4.61 -1.10 9.97
N MET B 399 4.60 -2.13 9.13
CA MET B 399 4.01 -3.42 9.47
C MET B 399 4.87 -4.59 9.00
N VAL B 400 4.77 -5.71 9.71
CA VAL B 400 5.52 -6.91 9.34
C VAL B 400 4.48 -7.95 8.94
N ASN B 401 4.70 -8.60 7.81
CA ASN B 401 3.75 -9.58 7.32
C ASN B 401 4.33 -11.00 7.31
N TYR B 402 3.65 -11.91 7.99
CA TYR B 402 4.08 -13.30 8.07
C TYR B 402 2.87 -14.18 8.31
N PHE B 403 3.05 -15.49 8.20
CA PHE B 403 1.94 -16.40 8.38
C PHE B 403 2.02 -17.33 9.58
N LEU B 404 1.08 -17.13 10.50
CA LEU B 404 0.95 -17.92 11.72
C LEU B 404 -0.26 -18.85 11.56
N SER B 405 -0.23 -19.99 12.23
CA SER B 405 -1.32 -20.96 12.20
C SER B 405 -1.86 -21.10 13.62
N PRO B 406 -3.18 -21.31 13.79
CA PRO B 406 -4.29 -21.45 12.85
C PRO B 406 -4.39 -20.32 11.85
N ALA B 407 -5.05 -20.57 10.73
CA ALA B 407 -5.18 -19.54 9.70
C ALA B 407 -6.28 -19.79 8.70
N PHE B 408 -6.71 -18.72 8.05
CA PHE B 408 -7.70 -18.81 7.00
C PHE B 408 -6.83 -18.76 5.74
N ARG B 409 -6.97 -19.75 4.86
CA ARG B 409 -6.18 -19.81 3.65
C ARG B 409 -7.04 -19.90 2.40
N TYR B 410 -6.42 -19.62 1.27
CA TYR B 410 -7.06 -19.69 -0.03
C TYR B 410 -6.90 -21.10 -0.53
N GLN B 411 -7.90 -21.56 -1.24
CA GLN B 411 -7.83 -22.90 -1.76
C GLN B 411 -8.41 -22.80 -3.17
N PRO B 412 -8.03 -23.72 -4.06
CA PRO B 412 -8.56 -23.65 -5.42
C PRO B 412 -10.07 -23.94 -5.55
N ASP B 413 -10.68 -23.41 -6.60
CA ASP B 413 -12.11 -23.62 -6.81
C ASP B 413 -12.39 -25.12 -6.97
N PRO B 414 -13.48 -25.61 -6.34
CA PRO B 414 -13.84 -27.02 -6.42
C PRO B 414 -14.13 -27.58 -7.81
N TRP B 415 -14.29 -26.70 -8.80
CA TRP B 415 -14.58 -27.13 -10.17
C TRP B 415 -13.40 -26.95 -11.13
FE HEC C . 10.62 10.87 -8.42
CHA HEC C . 10.22 9.19 -5.60
CHB HEC C . 7.32 11.83 -8.51
CHC HEC C . 11.24 12.82 -11.17
CHD HEC C . 14.09 10.16 -8.29
NA HEC C . 9.08 10.56 -7.28
C1A HEC C . 9.09 9.85 -6.12
C2A HEC C . 7.75 9.85 -5.51
C3A HEC C . 6.94 10.58 -6.33
C4A HEC C . 7.76 11.03 -7.43
CMA HEC C . 5.44 10.89 -6.12
CAA HEC C . 7.32 9.19 -4.16
CBA HEC C . 8.22 9.52 -2.93
CGA HEC C . 7.60 10.45 -1.92
O1A HEC C . 8.36 11.19 -1.24
O2A HEC C . 6.36 10.44 -1.76
NB HEC C . 9.52 12.02 -9.61
C1B HEC C . 8.16 12.30 -9.51
C2B HEC C . 7.68 13.17 -10.58
C3B HEC C . 8.77 13.45 -11.33
C4B HEC C . 9.91 12.76 -10.71
CMB HEC C . 6.23 13.67 -10.78
CAB HEC C . 8.85 14.37 -12.58
CBB HEC C . 9.52 13.90 -13.86
NC HEC C . 12.30 11.37 -9.50
C1C HEC C . 12.36 12.20 -10.59
C2C HEC C . 13.74 12.36 -11.10
C3C HEC C . 14.53 11.59 -10.28
C4C HEC C . 13.63 10.98 -9.31
CMC HEC C . 14.15 13.26 -12.30
CAC HEC C . 16.05 11.36 -10.30
CBC HEC C . 16.97 11.63 -11.44
ND HEC C . 11.94 9.83 -7.20
C1D HEC C . 13.28 9.59 -7.31
C2D HEC C . 13.78 8.73 -6.19
C3D HEC C . 12.68 8.41 -5.38
C4D HEC C . 11.54 9.16 -6.04
CMD HEC C . 15.22 8.28 -6.04
CAD HEC C . 12.57 7.56 -4.10
CBD HEC C . 12.60 8.70 -3.17
CGD HEC C . 12.06 8.59 -1.78
O1D HEC C . 11.69 9.64 -1.40
O2D HEC C . 12.02 7.43 -1.15
ZN ZN D . 8.23 -8.42 0.96
C1 327 E . 10.27 14.34 -4.20
C2 327 E . 8.98 14.47 -6.33
C3 327 E . 11.50 14.09 -6.84
C7 327 E . 10.91 12.96 -4.66
C8 327 E . 10.09 14.33 -2.74
C9 327 E . 10.71 15.76 -2.46
C10 327 E . 10.06 16.53 -1.32
N1 327 E . 8.93 14.37 -4.95
N2 327 E . 7.84 14.52 -7.00
C4 327 E . 10.26 14.58 -7.11
S1 327 E . 10.27 15.46 -8.59
C5 327 E . 11.96 15.13 -8.77
C6 327 E . 12.48 14.42 -7.82
O1 327 E . 11.87 13.31 -5.71
C1 MPD F . -3.21 -4.92 -6.66
C2 MPD F . -4.30 -5.15 -5.63
O2 MPD F . -5.50 -4.54 -6.16
CM MPD F . -4.54 -6.58 -5.43
C3 MPD F . -4.03 -4.43 -4.27
C4 MPD F . -3.62 -5.25 -3.04
O4 MPD F . -2.41 -5.95 -3.26
C5 MPD F . -3.43 -4.35 -1.85
CL CL G . 7.72 18.00 -0.28
C1 MPD H . 3.91 11.66 -14.35
C2 MPD H . 4.75 12.82 -14.85
O2 MPD H . 4.37 13.96 -14.06
CM MPD H . 6.19 12.54 -14.67
C3 MPD H . 4.53 13.22 -16.32
C4 MPD H . 3.21 12.84 -17.00
O4 MPD H . 2.10 13.40 -16.35
C5 MPD H . 3.19 13.33 -18.43
C1 MPD I . 5.09 3.99 6.87
C2 MPD I . 4.99 4.85 5.63
O2 MPD I . 3.66 5.38 5.64
CM MPD I . 5.98 5.98 5.64
C3 MPD I . 5.18 4.04 4.33
C4 MPD I . 4.28 4.41 3.14
O4 MPD I . 4.46 5.76 2.73
C5 MPD I . 4.58 3.54 1.95
CL CL J . -18.07 -7.09 -0.97
C1 MPD K . -13.71 -1.74 13.20
C2 MPD K . -14.66 -2.56 14.05
O2 MPD K . -15.99 -2.10 13.75
CM MPD K . -14.54 -3.99 13.74
C3 MPD K . -14.44 -2.38 15.58
C4 MPD K . -14.30 -0.95 16.11
O4 MPD K . -15.45 -0.18 15.83
C5 MPD K . -14.11 -0.94 17.62
FE HEC L . -12.15 -9.26 8.17
CHA HEC L . -10.12 -9.18 5.56
CHB HEC L . -13.01 -5.99 7.82
CHC HEC L . -14.41 -9.57 10.76
CHD HEC L . -11.52 -12.72 8.54
NA HEC L . -11.65 -7.87 6.94
C1A HEC L . -10.79 -8.00 5.88
C2A HEC L . -10.69 -6.71 5.14
C3A HEC L . -11.51 -5.83 5.80
C4A HEC L . -12.10 -6.54 6.91
CMA HEC L . -11.77 -4.34 5.43
CAA HEC L . -9.87 -6.40 3.86
CBA HEC L . -10.15 -7.31 2.62
CGA HEC L . -11.03 -6.70 1.53
O1A HEC L . -11.84 -7.48 0.93
O2A HEC L . -10.90 -5.48 1.25
NB HEC L . -13.40 -8.05 9.12
C1B HEC L . -13.60 -6.71 8.86
C2B HEC L . -14.57 -6.09 9.77
C3B HEC L . -14.97 -7.09 10.59
C4B HEC L . -14.25 -8.30 10.18
CMB HEC L . -15.03 -4.61 9.77
CAB HEC L . -15.99 -7.02 11.74
CBB HEC L . -15.62 -7.43 13.16
NC HEC L . -12.82 -10.82 9.39
C1C HEC L . -13.76 -10.75 10.38
C2C HEC L . -14.01 -12.06 11.01
C3C HEC L . -13.18 -12.94 10.38
C4C HEC L . -12.45 -12.16 9.39
CMC HEC L . -15.05 -12.34 12.14
CAC HEC L . -12.99 -14.44 10.59
CBC HEC L . -13.28 -15.20 11.84
ND HEC L . -11.00 -10.70 7.25
C1D HEC L . -10.82 -12.02 7.54
C2D HEC L . -9.83 -12.67 6.60
C3D HEC L . -9.39 -11.65 5.72
C4D HEC L . -10.17 -10.44 6.16
CMD HEC L . -9.40 -14.12 6.66
CAD HEC L . -8.39 -11.70 4.54
CBD HEC L . -9.41 -12.11 3.56
CGD HEC L . -9.24 -11.93 2.09
O1D HEC L . -10.28 -11.99 1.53
O2D HEC L . -8.05 -11.72 1.54
C1 327 M . -15.07 -9.52 3.58
C2 327 M . -15.41 -7.98 5.53
C3 327 M . -15.13 -10.42 6.35
C7 327 M . -13.77 -10.13 4.25
C8 327 M . -14.88 -9.47 2.10
C9 327 M . -16.34 -9.93 1.72
C10 327 M . -16.83 -9.44 0.36
N1 327 M . -15.17 -8.10 4.17
N2 327 M . -15.51 -6.76 6.04
C4 327 M . -15.62 -9.17 6.44
S1 327 M . -16.64 -8.98 7.80
C5 327 M . -16.38 -10.65 8.21
C6 327 M . -15.58 -11.27 7.40
O1 327 M . -14.27 -10.94 5.37
#